data_9E50
#
_entry.id   9E50
#
_cell.length_a   55.433
_cell.length_b   72.813
_cell.length_c   209.207
_cell.angle_alpha   90.000
_cell.angle_beta   90.000
_cell.angle_gamma   90.000
#
_symmetry.space_group_name_H-M   'P 21 21 21'
#
loop_
_entity.id
_entity.type
_entity.pdbx_description
1 polymer 'Amino acid adenylation domain protein'
2 non-polymer NICOTINAMIDE-ADENINE-DINUCLEOTIDE
3 non-polymer 'IODIDE ION'
4 water water
#
_entity_poly.entity_id   1
_entity_poly.type   'polypeptide(L)'
_entity_poly.pdbx_seq_one_letter_code
;SNAEYVQFESRSLLSLFTVGKIPPVDAAALCYWGEYDPEMFDWSRDYMIENIFENLPFWTMIKQTNWGRIAIIALPRFVS
DLYSNQDDAVQVIIEALEMAGIIGAKFVSLTGLIPSATDYGLAITKAVANREDLPKITTGHRTTGAAVVLTIKKICEQGG
RDLSTEKVGFIGLGSVGMNVLPLMLKCLPHPQEITLCDVYSKLEFLENIEQNLVHKFGFKGKIKLALSKTTVPQEIYDST
LIVGATNVANVLDIMQVKPGTLIVDDSGPHCFSVEQAIKRFQEREDILFSEGGMLRSPFPIKTTVHLLPSVEKIMNNAQK
EAVFNSNPFNIMGCAFSALLSSQFEQLEPTVGICDGEQSELHYQILQELEFEAGDLHCEHYVLPAKSIANFRQRFGKDL
;
_entity_poly.pdbx_strand_id   A,B
#
loop_
_chem_comp.id
_chem_comp.type
_chem_comp.name
_chem_comp.formula
IOD non-polymer 'IODIDE ION' 'I -1'
NAD non-polymer NICOTINAMIDE-ADENINE-DINUCLEOTIDE 'C21 H27 N7 O14 P2'
#
# COMPACT_ATOMS: atom_id res chain seq x y z
N GLU A 4 -1.32 -2.17 -25.98
CA GLU A 4 -2.77 -1.97 -26.02
C GLU A 4 -3.49 -2.69 -24.90
N TYR A 5 -3.28 -4.00 -24.81
CA TYR A 5 -3.85 -4.80 -23.72
C TYR A 5 -2.89 -4.98 -22.56
N VAL A 6 -1.66 -4.51 -22.69
CA VAL A 6 -0.67 -4.58 -21.62
C VAL A 6 -0.17 -3.17 -21.35
N GLN A 7 -0.25 -2.73 -20.10
CA GLN A 7 0.19 -1.40 -19.71
C GLN A 7 1.09 -1.50 -18.49
N PHE A 8 2.19 -0.76 -18.51
CA PHE A 8 3.08 -0.69 -17.36
C PHE A 8 2.64 0.44 -16.45
N GLU A 9 2.72 0.21 -15.15
CA GLU A 9 2.35 1.20 -14.14
C GLU A 9 3.56 1.39 -13.22
N SER A 10 4.16 2.58 -13.28
CA SER A 10 5.33 2.86 -12.45
C SER A 10 4.97 3.11 -10.99
N ARG A 11 3.72 3.46 -10.69
CA ARG A 11 3.30 3.73 -9.33
C ARG A 11 2.73 2.46 -8.69
N SER A 12 2.87 2.38 -7.37
CA SER A 12 2.43 1.21 -6.61
C SER A 12 0.94 0.95 -6.82
N LEU A 13 0.61 -0.29 -7.20
CA LEU A 13 -0.80 -0.66 -7.33
C LEU A 13 -1.51 -0.55 -5.99
N LEU A 14 -0.85 -0.96 -4.91
CA LEU A 14 -1.46 -0.84 -3.58
C LEU A 14 -1.79 0.61 -3.27
N SER A 15 -0.85 1.53 -3.56
CA SER A 15 -1.11 2.94 -3.31
C SER A 15 -2.26 3.44 -4.17
N LEU A 16 -2.26 3.09 -5.46
CA LEU A 16 -3.32 3.54 -6.35
C LEU A 16 -4.68 3.03 -5.88
N PHE A 17 -4.71 1.80 -5.37
CA PHE A 17 -5.97 1.24 -4.88
C PHE A 17 -6.49 2.00 -3.66
N THR A 18 -5.60 2.31 -2.71
CA THR A 18 -6.06 2.91 -1.46
C THR A 18 -6.53 4.35 -1.63
N VAL A 19 -6.22 5.00 -2.75
CA VAL A 19 -6.74 6.33 -3.04
C VAL A 19 -7.87 6.29 -4.06
N GLY A 20 -8.37 5.10 -4.41
CA GLY A 20 -9.49 4.96 -5.30
C GLY A 20 -9.19 5.14 -6.77
N LYS A 21 -7.90 5.16 -7.16
CA LYS A 21 -7.53 5.34 -8.55
C LYS A 21 -7.62 4.05 -9.37
N ILE A 22 -7.63 2.88 -8.72
CA ILE A 22 -7.94 1.64 -9.41
C ILE A 22 -8.98 0.86 -8.61
N PRO A 23 -9.90 0.16 -9.27
CA PRO A 23 -10.98 -0.52 -8.55
C PRO A 23 -10.45 -1.73 -7.80
N PRO A 24 -11.20 -2.24 -6.83
CA PRO A 24 -10.83 -3.50 -6.19
C PRO A 24 -10.81 -4.64 -7.20
N VAL A 25 -10.17 -5.73 -6.79
CA VAL A 25 -10.14 -6.94 -7.58
C VAL A 25 -11.15 -7.92 -7.00
N ASP A 26 -11.48 -8.96 -7.78
CA ASP A 26 -12.41 -9.99 -7.37
C ASP A 26 -11.70 -11.24 -6.85
N ALA A 27 -10.42 -11.38 -7.14
CA ALA A 27 -9.68 -12.59 -6.79
C ALA A 27 -8.20 -12.25 -6.79
N ALA A 28 -7.39 -13.17 -6.28
CA ALA A 28 -5.96 -13.01 -6.34
C ALA A 28 -5.30 -14.37 -6.59
N ALA A 29 -4.04 -14.31 -7.02
CA ALA A 29 -3.21 -15.50 -7.17
C ALA A 29 -1.86 -15.20 -6.55
N LEU A 30 -1.35 -16.14 -5.74
CA LEU A 30 -0.08 -15.98 -5.06
C LEU A 30 1.02 -16.71 -5.83
N CYS A 31 2.14 -16.03 -6.05
CA CYS A 31 3.30 -16.66 -6.67
C CYS A 31 4.54 -16.34 -5.85
N TYR A 32 5.72 -16.72 -6.35
CA TYR A 32 6.96 -16.52 -5.61
C TYR A 32 8.06 -16.22 -6.63
N TRP A 33 9.25 -15.94 -6.12
CA TRP A 33 10.35 -15.41 -6.95
C TRP A 33 11.29 -16.49 -7.43
N GLY A 34 10.73 -17.59 -7.95
CA GLY A 34 11.52 -18.69 -8.48
C GLY A 34 12.41 -19.32 -7.42
N GLU A 35 13.59 -19.73 -7.85
CA GLU A 35 14.54 -20.43 -6.99
C GLU A 35 15.80 -19.60 -6.76
N TYR A 36 16.38 -19.77 -5.58
CA TYR A 36 17.64 -19.11 -5.23
C TYR A 36 18.82 -19.98 -5.65
N ASP A 37 19.76 -19.36 -6.36
CA ASP A 37 21.01 -20.00 -6.72
C ASP A 37 22.12 -19.01 -6.38
N PRO A 38 23.03 -19.35 -5.46
CA PRO A 38 24.06 -18.36 -5.06
C PRO A 38 24.95 -17.91 -6.19
N GLU A 39 25.09 -18.70 -7.26
CA GLU A 39 25.91 -18.32 -8.39
C GLU A 39 25.16 -17.45 -9.40
N MET A 40 23.89 -17.13 -9.15
CA MET A 40 23.10 -16.30 -10.04
C MET A 40 22.84 -14.91 -9.49
N PHE A 41 23.12 -14.66 -8.21
CA PHE A 41 22.86 -13.37 -7.57
C PHE A 41 24.10 -12.91 -6.82
N ASP A 42 24.20 -11.59 -6.63
CA ASP A 42 25.31 -10.99 -5.92
C ASP A 42 25.19 -11.10 -4.41
N TRP A 43 24.07 -11.61 -3.89
CA TRP A 43 23.80 -11.55 -2.47
C TRP A 43 23.31 -12.91 -1.96
N SER A 44 23.39 -13.08 -0.65
CA SER A 44 22.83 -14.25 0.01
C SER A 44 21.32 -14.26 -0.11
N ARG A 45 20.74 -15.43 0.16
CA ARG A 45 19.29 -15.58 0.21
C ARG A 45 18.66 -14.64 1.22
N ASP A 46 19.26 -14.55 2.42
CA ASP A 46 18.69 -13.69 3.46
C ASP A 46 18.68 -12.22 3.04
N TYR A 47 19.77 -11.77 2.40
CA TYR A 47 19.83 -10.39 1.95
C TYR A 47 18.72 -10.09 0.95
N MET A 48 18.48 -11.00 0.01
CA MET A 48 17.46 -10.74 -1.00
C MET A 48 16.07 -10.71 -0.39
N ILE A 49 15.79 -11.59 0.56
CA ILE A 49 14.49 -11.60 1.21
C ILE A 49 14.27 -10.30 1.98
N GLU A 50 15.29 -9.85 2.71
CA GLU A 50 15.11 -8.72 3.62
C GLU A 50 15.23 -7.37 2.91
N ASN A 51 16.14 -7.25 1.95
CA ASN A 51 16.44 -5.96 1.36
C ASN A 51 15.91 -5.77 -0.06
N ILE A 52 15.67 -6.85 -0.80
CA ILE A 52 15.11 -6.73 -2.15
C ILE A 52 13.61 -6.99 -2.14
N PHE A 53 13.17 -8.09 -1.53
CA PHE A 53 11.75 -8.36 -1.38
C PHE A 53 11.13 -7.64 -0.19
N GLU A 54 11.95 -7.05 0.69
CA GLU A 54 11.52 -6.32 1.87
C GLU A 54 10.67 -7.18 2.83
N ASN A 55 10.74 -8.50 2.70
CA ASN A 55 9.96 -9.42 3.53
C ASN A 55 8.46 -9.11 3.44
N LEU A 56 8.02 -8.59 2.30
CA LEU A 56 6.64 -8.20 2.10
C LEU A 56 6.09 -8.80 0.82
N PRO A 57 4.83 -9.22 0.81
CA PRO A 57 4.20 -9.57 -0.47
C PRO A 57 4.13 -8.34 -1.36
N PHE A 58 4.19 -8.58 -2.66
CA PHE A 58 4.26 -7.51 -3.64
C PHE A 58 3.17 -7.68 -4.69
N TRP A 59 2.27 -6.72 -4.76
CA TRP A 59 1.20 -6.75 -5.76
C TRP A 59 1.77 -6.23 -7.08
N THR A 60 1.98 -7.13 -8.05
CA THR A 60 2.72 -6.80 -9.26
C THR A 60 1.85 -6.74 -10.50
N MET A 61 0.72 -7.45 -10.56
CA MET A 61 -0.07 -7.44 -11.78
C MET A 61 -1.55 -7.44 -11.48
N ILE A 62 -2.32 -6.91 -12.43
CA ILE A 62 -3.77 -7.05 -12.48
C ILE A 62 -4.12 -7.65 -13.83
N LYS A 63 -4.93 -8.70 -13.83
CA LYS A 63 -5.46 -9.31 -15.05
C LYS A 63 -6.96 -9.04 -15.06
N GLN A 64 -7.40 -8.21 -16.00
CA GLN A 64 -8.81 -7.84 -16.10
C GLN A 64 -9.45 -8.71 -17.18
N THR A 65 -10.23 -9.70 -16.76
CA THR A 65 -10.89 -10.60 -17.68
C THR A 65 -12.37 -10.27 -17.77
N ASN A 66 -13.04 -10.89 -18.74
CA ASN A 66 -14.49 -10.74 -18.87
C ASN A 66 -15.20 -11.19 -17.61
N TRP A 67 -14.59 -12.09 -16.82
CA TRP A 67 -15.20 -12.68 -15.64
C TRP A 67 -14.67 -12.10 -14.34
N GLY A 68 -13.94 -10.99 -14.38
CA GLY A 68 -13.49 -10.30 -13.18
C GLY A 68 -12.01 -10.01 -13.21
N ARG A 69 -11.56 -9.32 -12.17
CA ARG A 69 -10.17 -8.87 -12.03
C ARG A 69 -9.44 -9.75 -11.04
N ILE A 70 -8.18 -10.09 -11.36
CA ILE A 70 -7.36 -10.88 -10.46
CA ILE A 70 -7.33 -10.91 -10.49
C ILE A 70 -6.06 -10.14 -10.19
N ALA A 71 -5.70 -10.03 -8.92
CA ALA A 71 -4.42 -9.46 -8.51
C ALA A 71 -3.38 -10.57 -8.46
N ILE A 72 -2.22 -10.33 -9.03
CA ILE A 72 -1.09 -11.26 -8.93
C ILE A 72 -0.15 -10.72 -7.86
N ILE A 73 0.09 -11.51 -6.82
CA ILE A 73 0.83 -11.08 -5.64
C ILE A 73 1.98 -12.04 -5.41
N ALA A 74 3.20 -11.52 -5.38
CA ALA A 74 4.40 -12.33 -5.18
C ALA A 74 4.75 -12.40 -3.70
N LEU A 75 4.89 -13.63 -3.19
CA LEU A 75 5.43 -13.81 -1.86
C LEU A 75 6.91 -13.45 -1.83
N PRO A 76 7.39 -12.89 -0.72
CA PRO A 76 8.81 -12.53 -0.58
C PRO A 76 9.71 -13.72 -0.26
N ARG A 77 9.57 -14.79 -1.05
CA ARG A 77 10.28 -16.03 -0.78
C ARG A 77 10.67 -16.69 -2.11
N PHE A 78 11.68 -17.55 -2.02
CA PHE A 78 12.01 -18.50 -3.08
C PHE A 78 11.33 -19.84 -2.79
N VAL A 79 11.24 -20.68 -3.83
CA VAL A 79 10.51 -21.94 -3.68
C VAL A 79 11.18 -22.83 -2.63
N SER A 80 12.50 -22.80 -2.52
CA SER A 80 13.15 -23.64 -1.49
C SER A 80 12.79 -23.18 -0.08
N ASP A 81 12.49 -21.89 0.10
CA ASP A 81 12.07 -21.40 1.41
C ASP A 81 10.75 -22.02 1.83
N LEU A 82 9.83 -22.21 0.88
CA LEU A 82 8.52 -22.77 1.20
C LEU A 82 8.64 -24.20 1.68
N TYR A 83 9.57 -24.97 1.09
CA TYR A 83 9.75 -26.36 1.51
C TYR A 83 10.55 -26.47 2.80
N SER A 84 11.47 -25.54 3.05
CA SER A 84 12.39 -25.69 4.18
C SER A 84 11.75 -25.32 5.52
N ASN A 85 10.71 -24.49 5.54
CA ASN A 85 10.03 -24.20 6.80
C ASN A 85 8.56 -23.94 6.47
N GLN A 86 7.71 -24.94 6.72
CA GLN A 86 6.29 -24.81 6.39
C GLN A 86 5.60 -23.77 7.27
N ASP A 87 6.02 -23.65 8.55
CA ASP A 87 5.44 -22.61 9.41
C ASP A 87 5.65 -21.22 8.82
N ASP A 88 6.86 -20.96 8.35
CA ASP A 88 7.17 -19.65 7.77
C ASP A 88 6.41 -19.43 6.47
N ALA A 89 6.34 -20.47 5.63
CA ALA A 89 5.56 -20.37 4.40
C ALA A 89 4.12 -20.02 4.69
N VAL A 90 3.53 -20.66 5.70
CA VAL A 90 2.14 -20.38 6.04
C VAL A 90 1.99 -18.96 6.54
N GLN A 91 2.96 -18.48 7.34
CA GLN A 91 2.83 -17.14 7.90
C GLN A 91 2.91 -16.06 6.81
N VAL A 92 3.81 -16.24 5.85
CA VAL A 92 3.90 -15.24 4.78
C VAL A 92 2.69 -15.32 3.87
N ILE A 93 2.10 -16.50 3.70
CA ILE A 93 0.89 -16.62 2.90
C ILE A 93 -0.28 -15.91 3.60
N ILE A 94 -0.37 -16.04 4.93
CA ILE A 94 -1.45 -15.38 5.66
C ILE A 94 -1.30 -13.87 5.56
N GLU A 95 -0.06 -13.37 5.59
CA GLU A 95 0.18 -11.95 5.37
C GLU A 95 -0.31 -11.52 3.99
N ALA A 96 -0.02 -12.31 2.95
CA ALA A 96 -0.50 -11.96 1.61
C ALA A 96 -2.02 -12.07 1.51
N LEU A 97 -2.63 -13.01 2.24
CA LEU A 97 -4.09 -13.11 2.23
C LEU A 97 -4.74 -11.89 2.85
N GLU A 98 -4.13 -11.32 3.88
CA GLU A 98 -4.70 -10.11 4.47
C GLU A 98 -4.68 -8.96 3.47
N MET A 99 -3.55 -8.79 2.76
CA MET A 99 -3.51 -7.77 1.71
C MET A 99 -4.53 -8.06 0.62
N ALA A 100 -4.62 -9.32 0.18
CA ALA A 100 -5.57 -9.67 -0.87
C ALA A 100 -7.01 -9.33 -0.47
N GLY A 101 -7.36 -9.60 0.79
CA GLY A 101 -8.71 -9.26 1.24
C GLY A 101 -8.97 -7.77 1.22
N ILE A 102 -7.97 -6.98 1.62
CA ILE A 102 -8.13 -5.52 1.63
C ILE A 102 -8.40 -4.99 0.23
N ILE A 103 -7.76 -5.58 -0.78
CA ILE A 103 -7.92 -5.05 -2.14
C ILE A 103 -9.08 -5.71 -2.86
N GLY A 104 -9.85 -6.55 -2.15
CA GLY A 104 -11.13 -7.01 -2.64
C GLY A 104 -11.25 -8.49 -2.96
N ALA A 105 -10.15 -9.25 -2.97
CA ALA A 105 -10.21 -10.64 -3.39
C ALA A 105 -11.13 -11.47 -2.51
N LYS A 106 -12.02 -12.25 -3.13
CA LYS A 106 -12.86 -13.18 -2.39
C LYS A 106 -12.28 -14.59 -2.36
N PHE A 107 -11.50 -14.96 -3.39
CA PHE A 107 -10.82 -16.25 -3.49
C PHE A 107 -9.39 -16.00 -3.93
N VAL A 108 -8.47 -16.84 -3.44
CA VAL A 108 -7.04 -16.67 -3.74
C VAL A 108 -6.48 -18.03 -4.16
N SER A 109 -5.90 -18.08 -5.37
CA SER A 109 -5.25 -19.29 -5.85
C SER A 109 -3.82 -19.37 -5.35
N LEU A 110 -3.38 -20.59 -5.08
CA LEU A 110 -2.02 -20.90 -4.65
C LEU A 110 -1.28 -21.51 -5.84
N THR A 111 -0.48 -20.70 -6.54
CA THR A 111 0.10 -21.16 -7.80
C THR A 111 1.40 -21.92 -7.57
N GLY A 112 1.88 -22.53 -8.65
CA GLY A 112 3.17 -23.20 -8.62
C GLY A 112 3.23 -24.30 -7.58
N LEU A 113 4.33 -24.32 -6.82
CA LEU A 113 4.55 -25.36 -5.84
C LEU A 113 4.07 -24.97 -4.44
N ILE A 114 3.32 -23.88 -4.30
CA ILE A 114 2.79 -23.53 -2.99
C ILE A 114 1.92 -24.65 -2.41
N PRO A 115 0.97 -25.23 -3.17
CA PRO A 115 0.21 -26.38 -2.60
C PRO A 115 1.13 -27.53 -2.19
N SER A 116 2.06 -27.92 -3.06
CA SER A 116 2.95 -29.03 -2.75
C SER A 116 3.71 -28.81 -1.44
N ALA A 117 3.98 -27.55 -1.09
CA ALA A 117 4.73 -27.21 0.11
C ALA A 117 3.88 -26.97 1.35
N THR A 118 2.57 -26.90 1.23
CA THR A 118 1.71 -26.50 2.34
C THR A 118 0.61 -27.52 2.61
N ASP A 119 0.92 -28.80 2.42
CA ASP A 119 -0.08 -29.87 2.51
CA ASP A 119 -0.09 -29.86 2.52
C ASP A 119 -1.27 -29.55 1.61
N TYR A 120 -0.98 -29.05 0.41
CA TYR A 120 -1.99 -28.70 -0.59
C TYR A 120 -3.02 -27.73 -0.02
N GLY A 121 -2.53 -26.77 0.77
CA GLY A 121 -3.36 -25.73 1.35
C GLY A 121 -3.89 -26.05 2.74
N LEU A 122 -3.91 -27.32 3.14
CA LEU A 122 -4.48 -27.68 4.44
C LEU A 122 -3.73 -27.05 5.60
N ALA A 123 -2.41 -26.86 5.47
CA ALA A 123 -1.67 -26.20 6.53
C ALA A 123 -2.13 -24.76 6.70
N ILE A 124 -2.57 -24.12 5.61
CA ILE A 124 -3.03 -22.74 5.67
C ILE A 124 -4.43 -22.66 6.29
N THR A 125 -5.35 -23.49 5.78
CA THR A 125 -6.72 -23.42 6.27
C THR A 125 -6.82 -23.73 7.75
N LYS A 126 -5.96 -24.63 8.24
CA LYS A 126 -5.92 -24.90 9.67
C LYS A 126 -5.47 -23.66 10.45
N ALA A 127 -4.47 -22.95 9.95
CA ALA A 127 -3.93 -21.79 10.65
C ALA A 127 -4.87 -20.60 10.64
N VAL A 128 -5.84 -20.54 9.73
CA VAL A 128 -6.75 -19.41 9.65
C VAL A 128 -8.19 -19.83 9.98
N ALA A 129 -8.37 -21.01 10.59
CA ALA A 129 -9.71 -21.48 10.90
C ALA A 129 -10.42 -20.56 11.89
N ASN A 130 -9.68 -19.83 12.71
CA ASN A 130 -10.26 -18.93 13.69
C ASN A 130 -10.46 -17.52 13.15
N ARG A 131 -10.38 -17.33 11.84
CA ARG A 131 -10.55 -16.03 11.21
C ARG A 131 -11.66 -16.10 10.17
N GLU A 132 -12.44 -15.03 10.09
CA GLU A 132 -13.48 -14.90 9.08
C GLU A 132 -13.23 -13.69 8.17
N ASP A 133 -12.11 -13.00 8.35
CA ASP A 133 -11.78 -11.78 7.61
C ASP A 133 -10.84 -12.03 6.44
N LEU A 134 -10.66 -13.28 6.02
CA LEU A 134 -9.71 -13.58 4.96
C LEU A 134 -10.41 -14.20 3.77
N PRO A 135 -9.88 -14.00 2.56
CA PRO A 135 -10.44 -14.70 1.40
C PRO A 135 -10.24 -16.19 1.52
N LYS A 136 -11.07 -16.94 0.81
CA LYS A 136 -10.93 -18.39 0.73
C LYS A 136 -9.80 -18.75 -0.21
N ILE A 137 -9.10 -19.84 0.09
CA ILE A 137 -7.97 -20.26 -0.72
C ILE A 137 -8.39 -21.45 -1.59
N THR A 138 -7.70 -21.61 -2.71
CA THR A 138 -7.89 -22.76 -3.57
C THR A 138 -6.54 -23.13 -4.18
N THR A 139 -6.29 -24.44 -4.32
CA THR A 139 -5.12 -24.84 -5.11
C THR A 139 -5.34 -24.61 -6.59
N GLY A 140 -6.59 -24.52 -7.03
CA GLY A 140 -6.91 -24.41 -8.43
C GLY A 140 -6.58 -25.63 -9.27
N HIS A 141 -6.25 -26.77 -8.65
CA HIS A 141 -5.72 -27.88 -9.45
C HIS A 141 -6.77 -28.55 -10.32
N ARG A 142 -8.07 -28.39 -10.02
CA ARG A 142 -9.07 -28.94 -10.92
C ARG A 142 -9.12 -28.16 -12.22
N THR A 143 -8.94 -26.84 -12.14
CA THR A 143 -8.87 -26.03 -13.36
C THR A 143 -7.56 -26.27 -14.10
N THR A 144 -6.45 -26.38 -13.36
CA THR A 144 -5.20 -26.75 -14.00
C THR A 144 -5.33 -28.09 -14.71
N GLY A 145 -5.95 -29.07 -14.06
CA GLY A 145 -6.15 -30.36 -14.70
C GLY A 145 -6.97 -30.25 -15.97
N ALA A 146 -8.01 -29.41 -15.95
CA ALA A 146 -8.80 -29.20 -17.16
C ALA A 146 -7.97 -28.54 -18.26
N ALA A 147 -7.11 -27.59 -17.88
CA ALA A 147 -6.26 -26.93 -18.88
C ALA A 147 -5.29 -27.92 -19.52
N VAL A 148 -4.73 -28.83 -18.71
CA VAL A 148 -3.82 -29.84 -19.27
C VAL A 148 -4.55 -30.75 -20.24
N VAL A 149 -5.77 -31.15 -19.90
CA VAL A 149 -6.53 -32.00 -20.80
C VAL A 149 -6.88 -31.25 -22.08
N LEU A 150 -7.23 -29.97 -21.96
CA LEU A 150 -7.43 -29.15 -23.16
C LEU A 150 -6.16 -29.08 -24.00
N THR A 151 -4.99 -29.06 -23.35
CA THR A 151 -3.74 -28.98 -24.11
C THR A 151 -3.42 -30.32 -24.78
N ILE A 152 -3.74 -31.43 -24.11
CA ILE A 152 -3.60 -32.74 -24.74
C ILE A 152 -4.45 -32.79 -26.00
N LYS A 153 -5.71 -32.35 -25.89
CA LYS A 153 -6.59 -32.27 -27.05
C LYS A 153 -5.99 -31.42 -28.14
N LYS A 154 -5.51 -30.22 -27.77
CA LYS A 154 -4.97 -29.30 -28.76
C LYS A 154 -3.70 -29.85 -29.41
N ILE A 155 -2.79 -30.41 -28.61
CA ILE A 155 -1.52 -30.82 -29.19
C ILE A 155 -1.71 -32.03 -30.12
N CYS A 156 -2.70 -32.89 -29.82
CA CYS A 156 -3.01 -33.96 -30.75
C CYS A 156 -3.59 -33.42 -32.06
N GLU A 157 -4.50 -32.44 -31.97
CA GLU A 157 -5.04 -31.82 -33.18
C GLU A 157 -3.94 -31.18 -34.00
N GLN A 158 -3.07 -30.40 -33.34
CA GLN A 158 -2.00 -29.71 -34.06
C GLN A 158 -0.98 -30.67 -34.62
N GLY A 159 -0.80 -31.83 -33.97
CA GLY A 159 0.12 -32.84 -34.48
C GLY A 159 -0.48 -33.74 -35.54
N GLY A 160 -1.78 -33.64 -35.78
CA GLY A 160 -2.43 -34.46 -36.79
C GLY A 160 -2.66 -35.89 -36.37
N ARG A 161 -2.84 -36.14 -35.08
CA ARG A 161 -2.97 -37.50 -34.56
C ARG A 161 -4.17 -37.56 -33.62
N ASP A 162 -4.69 -38.77 -33.45
CA ASP A 162 -5.76 -39.01 -32.50
C ASP A 162 -5.17 -39.65 -31.25
N LEU A 163 -5.74 -39.31 -30.09
CA LEU A 163 -5.23 -39.84 -28.84
C LEU A 163 -5.37 -41.35 -28.76
N SER A 164 -6.30 -41.94 -29.52
CA SER A 164 -6.55 -43.38 -29.40
C SER A 164 -5.36 -44.21 -29.85
N THR A 165 -4.48 -43.66 -30.68
CA THR A 165 -3.31 -44.40 -31.15
C THR A 165 -2.04 -44.04 -30.38
N GLU A 166 -2.13 -43.18 -29.39
CA GLU A 166 -0.93 -42.73 -28.67
C GLU A 166 -0.55 -43.71 -27.56
N LYS A 167 0.74 -43.71 -27.25
CA LYS A 167 1.26 -44.33 -26.05
C LYS A 167 1.64 -43.20 -25.11
N VAL A 168 0.89 -43.04 -24.02
CA VAL A 168 0.95 -41.84 -23.19
C VAL A 168 1.78 -42.12 -21.95
N GLY A 169 2.78 -41.28 -21.70
CA GLY A 169 3.60 -41.43 -20.51
C GLY A 169 3.39 -40.28 -19.54
N PHE A 170 2.89 -40.57 -18.35
CA PHE A 170 2.72 -39.57 -17.31
C PHE A 170 3.95 -39.52 -16.44
N ILE A 171 4.57 -38.35 -16.34
CA ILE A 171 5.75 -38.13 -15.52
C ILE A 171 5.33 -37.24 -14.36
N GLY A 172 5.20 -37.83 -13.16
CA GLY A 172 4.78 -37.05 -12.01
C GLY A 172 3.31 -37.20 -11.71
N LEU A 173 2.96 -38.10 -10.79
CA LEU A 173 1.57 -38.35 -10.47
C LEU A 173 1.25 -37.81 -9.09
N GLY A 174 1.48 -36.52 -8.90
CA GLY A 174 1.10 -35.83 -7.68
C GLY A 174 -0.28 -35.25 -7.79
N SER A 175 -0.49 -34.07 -7.20
CA SER A 175 -1.83 -33.48 -7.18
C SER A 175 -2.34 -33.17 -8.58
N VAL A 176 -1.53 -32.47 -9.38
CA VAL A 176 -1.96 -32.13 -10.74
C VAL A 176 -2.06 -33.39 -11.59
N GLY A 177 -1.02 -34.23 -11.57
CA GLY A 177 -1.02 -35.42 -12.41
C GLY A 177 -2.24 -36.29 -12.19
N MET A 178 -2.66 -36.46 -10.93
CA MET A 178 -3.81 -37.29 -10.65
C MET A 178 -5.14 -36.55 -10.81
N ASN A 179 -5.12 -35.24 -11.11
CA ASN A 179 -6.31 -34.62 -11.68
C ASN A 179 -6.41 -34.91 -13.18
N VAL A 180 -5.26 -34.89 -13.86
CA VAL A 180 -5.24 -34.97 -15.32
C VAL A 180 -5.63 -36.36 -15.80
N LEU A 181 -5.02 -37.40 -15.21
CA LEU A 181 -5.19 -38.75 -15.75
C LEU A 181 -6.65 -39.19 -15.77
N PRO A 182 -7.42 -39.13 -14.67
CA PRO A 182 -8.83 -39.51 -14.76
C PRO A 182 -9.64 -38.65 -15.69
N LEU A 183 -9.38 -37.33 -15.71
CA LEU A 183 -10.15 -36.44 -16.59
C LEU A 183 -9.87 -36.72 -18.05
N MET A 184 -8.61 -36.98 -18.39
CA MET A 184 -8.29 -37.36 -19.77
C MET A 184 -9.07 -38.60 -20.18
N LEU A 185 -9.15 -39.59 -19.30
CA LEU A 185 -9.87 -40.81 -19.65
C LEU A 185 -11.38 -40.57 -19.77
N LYS A 186 -11.91 -39.62 -19.01
CA LYS A 186 -13.35 -39.36 -19.03
C LYS A 186 -13.77 -38.56 -20.26
N CYS A 187 -12.90 -37.68 -20.76
CA CYS A 187 -13.30 -36.68 -21.74
C CYS A 187 -12.69 -36.87 -23.12
N LEU A 188 -11.60 -37.61 -23.24
CA LEU A 188 -10.93 -37.81 -24.50
C LEU A 188 -10.88 -39.29 -24.85
N PRO A 189 -10.68 -39.64 -26.13
CA PRO A 189 -10.54 -41.05 -26.49
C PRO A 189 -9.40 -41.70 -25.73
N HIS A 190 -9.62 -42.94 -25.30
CA HIS A 190 -8.60 -43.62 -24.51
C HIS A 190 -7.39 -43.96 -25.39
N PRO A 191 -6.17 -43.74 -24.89
CA PRO A 191 -4.98 -44.15 -25.66
C PRO A 191 -4.80 -45.66 -25.66
N GLN A 192 -3.81 -46.15 -26.38
CA GLN A 192 -3.60 -47.59 -26.43
C GLN A 192 -2.67 -48.10 -25.34
N GLU A 193 -1.88 -47.21 -24.74
CA GLU A 193 -0.95 -47.57 -23.68
C GLU A 193 -0.77 -46.37 -22.76
N ILE A 194 -0.66 -46.63 -21.46
CA ILE A 194 -0.36 -45.60 -20.46
C ILE A 194 0.80 -46.07 -19.61
N THR A 195 1.84 -45.25 -19.52
CA THR A 195 2.95 -45.49 -18.61
C THR A 195 2.84 -44.50 -17.46
N LEU A 196 2.97 -45.00 -16.23
CA LEU A 196 2.94 -44.18 -15.02
C LEU A 196 4.34 -44.10 -14.45
N CYS A 197 4.88 -42.90 -14.37
CA CYS A 197 6.26 -42.68 -13.96
C CYS A 197 6.31 -41.75 -12.76
N ASP A 198 6.92 -42.22 -11.68
CA ASP A 198 7.20 -41.40 -10.50
C ASP A 198 8.38 -42.03 -9.77
N VAL A 199 8.69 -41.53 -8.58
CA VAL A 199 9.88 -41.97 -7.87
C VAL A 199 9.65 -43.34 -7.22
N TYR A 200 10.76 -43.97 -6.81
CA TYR A 200 10.71 -45.34 -6.29
C TYR A 200 9.80 -45.46 -5.07
N SER A 201 9.87 -44.50 -4.16
CA SER A 201 9.05 -44.55 -2.95
C SER A 201 7.56 -44.54 -3.23
N LYS A 202 7.12 -44.26 -4.46
CA LYS A 202 5.72 -44.23 -4.79
C LYS A 202 5.27 -45.45 -5.59
N LEU A 203 6.05 -46.53 -5.58
CA LEU A 203 5.67 -47.74 -6.32
C LEU A 203 4.30 -48.25 -5.89
N GLU A 204 4.07 -48.38 -4.58
CA GLU A 204 2.78 -48.87 -4.11
C GLU A 204 1.65 -47.92 -4.49
N PHE A 205 1.93 -46.61 -4.47
CA PHE A 205 0.95 -45.62 -4.89
C PHE A 205 0.58 -45.81 -6.36
N LEU A 206 1.60 -46.07 -7.21
CA LEU A 206 1.36 -46.28 -8.64
C LEU A 206 0.61 -47.59 -8.88
N GLU A 207 0.93 -48.64 -8.11
CA GLU A 207 0.21 -49.89 -8.27
C GLU A 207 -1.28 -49.72 -8.00
N ASN A 208 -1.64 -48.86 -7.05
CA ASN A 208 -3.05 -48.60 -6.78
C ASN A 208 -3.70 -47.83 -7.92
N ILE A 209 -2.99 -46.88 -8.52
CA ILE A 209 -3.51 -46.19 -9.70
C ILE A 209 -3.77 -47.20 -10.81
N GLU A 210 -2.84 -48.14 -11.02
CA GLU A 210 -3.03 -49.16 -12.05
C GLU A 210 -4.30 -49.96 -11.81
N GLN A 211 -4.60 -50.28 -10.56
CA GLN A 211 -5.85 -50.98 -10.25
C GLN A 211 -7.06 -50.11 -10.57
N ASN A 212 -7.00 -48.82 -10.22
CA ASN A 212 -8.12 -47.93 -10.51
C ASN A 212 -8.29 -47.71 -12.00
N LEU A 213 -7.19 -47.68 -12.76
CA LEU A 213 -7.30 -47.56 -14.22
C LEU A 213 -8.18 -48.66 -14.80
N VAL A 214 -7.99 -49.89 -14.34
CA VAL A 214 -8.72 -51.03 -14.89
C VAL A 214 -10.17 -51.04 -14.41
N HIS A 215 -10.38 -50.91 -13.10
CA HIS A 215 -11.68 -51.20 -12.51
C HIS A 215 -12.55 -49.98 -12.25
N LYS A 216 -11.98 -48.78 -12.24
CA LYS A 216 -12.79 -47.58 -11.99
C LYS A 216 -12.82 -46.62 -13.17
N PHE A 217 -11.75 -46.51 -13.94
CA PHE A 217 -11.71 -45.59 -15.07
C PHE A 217 -11.95 -46.30 -16.40
N GLY A 218 -12.06 -47.62 -16.39
CA GLY A 218 -12.43 -48.35 -17.59
C GLY A 218 -11.37 -48.38 -18.68
N PHE A 219 -10.09 -48.29 -18.31
CA PHE A 219 -9.02 -48.31 -19.30
C PHE A 219 -8.71 -49.75 -19.68
N LYS A 220 -8.79 -50.05 -20.99
CA LYS A 220 -8.57 -51.40 -21.48
C LYS A 220 -7.22 -51.61 -22.14
N GLY A 221 -6.42 -50.56 -22.30
CA GLY A 221 -5.11 -50.69 -22.93
C GLY A 221 -4.05 -51.22 -21.98
N LYS A 222 -2.82 -51.22 -22.48
CA LYS A 222 -1.68 -51.68 -21.70
C LYS A 222 -1.26 -50.62 -20.68
N ILE A 223 -0.91 -51.07 -19.47
CA ILE A 223 -0.46 -50.20 -18.39
C ILE A 223 0.93 -50.63 -17.98
N LYS A 224 1.84 -49.65 -17.89
CA LYS A 224 3.21 -49.91 -17.47
C LYS A 224 3.60 -48.94 -16.35
N LEU A 225 4.40 -49.43 -15.41
CA LEU A 225 4.95 -48.61 -14.34
C LEU A 225 6.43 -48.41 -14.57
N ALA A 226 6.89 -47.17 -14.39
CA ALA A 226 8.27 -46.80 -14.63
C ALA A 226 8.75 -45.97 -13.46
N LEU A 227 9.80 -46.42 -12.78
CA LEU A 227 10.27 -45.78 -11.57
C LEU A 227 11.51 -44.94 -11.88
N SER A 228 11.46 -43.66 -11.49
CA SER A 228 12.58 -42.75 -11.67
C SER A 228 13.52 -42.82 -10.49
N LYS A 229 14.81 -42.66 -10.77
CA LYS A 229 15.79 -42.37 -9.74
C LYS A 229 16.15 -40.89 -9.78
N THR A 230 17.30 -40.53 -10.34
CA THR A 230 17.59 -39.12 -10.53
C THR A 230 17.00 -38.58 -11.83
N THR A 231 16.72 -39.45 -12.81
CA THR A 231 16.05 -39.08 -14.05
C THR A 231 15.03 -40.15 -14.39
N VAL A 232 14.21 -39.89 -15.41
CA VAL A 232 13.21 -40.87 -15.82
C VAL A 232 13.94 -42.10 -16.37
N PRO A 233 13.35 -43.30 -16.25
CA PRO A 233 13.97 -44.47 -16.86
C PRO A 233 13.86 -44.41 -18.37
N GLN A 234 14.72 -45.17 -19.04
CA GLN A 234 14.78 -45.07 -20.50
C GLN A 234 13.49 -45.53 -21.16
N GLU A 235 12.67 -46.32 -20.47
CA GLU A 235 11.41 -46.79 -21.04
C GLU A 235 10.44 -45.65 -21.35
N ILE A 236 10.55 -44.53 -20.62
CA ILE A 236 9.67 -43.40 -20.86
C ILE A 236 9.80 -42.88 -22.28
N TYR A 237 10.96 -43.06 -22.90
CA TYR A 237 11.16 -42.58 -24.26
C TYR A 237 10.45 -43.42 -25.30
N ASP A 238 9.81 -44.53 -24.92
CA ASP A 238 8.92 -45.24 -25.84
C ASP A 238 7.58 -44.55 -26.00
N SER A 239 7.25 -43.59 -25.14
CA SER A 239 5.97 -42.91 -25.23
C SER A 239 5.95 -41.94 -26.42
N THR A 240 4.76 -41.78 -27.00
CA THR A 240 4.57 -40.83 -28.10
C THR A 240 3.88 -39.55 -27.66
N LEU A 241 3.22 -39.56 -26.50
CA LEU A 241 2.72 -38.35 -25.85
C LEU A 241 3.15 -38.41 -24.40
N ILE A 242 3.83 -37.37 -23.95
CA ILE A 242 4.35 -37.28 -22.58
C ILE A 242 3.62 -36.14 -21.89
N VAL A 243 3.09 -36.42 -20.70
CA VAL A 243 2.34 -35.45 -19.90
C VAL A 243 3.12 -35.28 -18.58
N GLY A 244 3.67 -34.09 -18.37
CA GLY A 244 4.53 -33.83 -17.22
C GLY A 244 3.84 -33.01 -16.14
N ALA A 245 4.09 -33.39 -14.89
CA ALA A 245 3.66 -32.59 -13.74
C ALA A 245 4.53 -32.93 -12.54
N THR A 246 5.84 -32.68 -12.65
CA THR A 246 6.78 -32.98 -11.59
C THR A 246 7.00 -31.77 -10.71
N ASN A 247 7.62 -32.01 -9.55
CA ASN A 247 8.18 -30.91 -8.76
C ASN A 247 9.70 -30.89 -8.80
N VAL A 248 10.29 -31.54 -9.81
CA VAL A 248 11.74 -31.58 -10.00
C VAL A 248 12.04 -31.27 -11.47
N ALA A 249 12.95 -30.32 -11.70
CA ALA A 249 13.31 -29.89 -13.05
C ALA A 249 14.22 -30.91 -13.74
N ASN A 250 14.14 -30.92 -15.07
CA ASN A 250 15.16 -31.57 -15.92
C ASN A 250 15.34 -33.05 -15.60
N VAL A 251 14.24 -33.76 -15.38
CA VAL A 251 14.31 -35.21 -15.21
C VAL A 251 14.07 -35.95 -16.51
N LEU A 252 13.62 -35.25 -17.55
CA LEU A 252 13.40 -35.82 -18.87
C LEU A 252 14.41 -35.18 -19.82
N ASP A 253 15.11 -36.01 -20.61
CA ASP A 253 16.09 -35.52 -21.58
C ASP A 253 15.38 -35.32 -22.91
N ILE A 254 15.10 -34.07 -23.27
CA ILE A 254 14.33 -33.79 -24.48
C ILE A 254 15.08 -34.26 -25.73
N MET A 255 16.41 -34.40 -25.65
CA MET A 255 17.15 -34.89 -26.81
C MET A 255 17.00 -36.39 -27.02
N GLN A 256 16.39 -37.13 -26.10
CA GLN A 256 16.19 -38.56 -26.29
C GLN A 256 14.76 -38.94 -26.66
N VAL A 257 13.81 -38.00 -26.65
CA VAL A 257 12.48 -38.36 -27.12
C VAL A 257 12.56 -38.66 -28.61
N LYS A 258 11.72 -39.56 -29.07
CA LYS A 258 11.77 -39.99 -30.45
C LYS A 258 11.16 -38.92 -31.34
N PRO A 259 11.59 -38.83 -32.61
CA PRO A 259 10.91 -37.93 -33.54
C PRO A 259 9.43 -38.23 -33.57
N GLY A 260 8.62 -37.16 -33.59
CA GLY A 260 7.19 -37.29 -33.60
C GLY A 260 6.52 -37.20 -32.24
N THR A 261 7.31 -37.09 -31.16
CA THR A 261 6.74 -37.07 -29.82
C THR A 261 6.05 -35.74 -29.52
N LEU A 262 4.94 -35.82 -28.79
CA LEU A 262 4.22 -34.66 -28.29
C LEU A 262 4.45 -34.56 -26.79
N ILE A 263 4.74 -33.36 -26.29
CA ILE A 263 5.07 -33.17 -24.87
C ILE A 263 4.19 -32.05 -24.32
N VAL A 264 3.39 -32.37 -23.32
CA VAL A 264 2.59 -31.41 -22.58
C VAL A 264 3.11 -31.39 -21.15
N ASP A 265 3.56 -30.23 -20.68
CA ASP A 265 4.23 -30.16 -19.39
C ASP A 265 3.69 -29.00 -18.57
N ASP A 266 3.07 -29.32 -17.43
CA ASP A 266 2.66 -28.31 -16.46
C ASP A 266 3.72 -28.03 -15.41
N SER A 267 4.80 -28.82 -15.38
CA SER A 267 5.87 -28.60 -14.41
C SER A 267 6.44 -27.19 -14.55
N GLY A 268 6.64 -26.53 -13.41
CA GLY A 268 7.30 -25.25 -13.36
C GLY A 268 8.26 -25.21 -12.19
N PRO A 269 9.58 -25.22 -12.46
CA PRO A 269 10.24 -25.24 -13.78
C PRO A 269 9.96 -26.53 -14.54
N HIS A 270 10.19 -26.52 -15.85
CA HIS A 270 9.82 -27.67 -16.67
C HIS A 270 10.65 -28.90 -16.34
N CYS A 271 10.07 -30.07 -16.60
CA CYS A 271 10.75 -31.33 -16.34
C CYS A 271 11.76 -31.69 -17.42
N PHE A 272 11.92 -30.83 -18.43
CA PHE A 272 12.95 -30.94 -19.45
C PHE A 272 13.57 -29.56 -19.66
N SER A 273 14.66 -29.52 -20.41
CA SER A 273 15.36 -28.26 -20.66
C SER A 273 14.64 -27.47 -21.73
N VAL A 274 14.12 -26.30 -21.37
CA VAL A 274 13.39 -25.48 -22.35
C VAL A 274 14.32 -25.05 -23.47
N GLU A 275 15.54 -24.63 -23.15
CA GLU A 275 16.44 -24.16 -24.19
C GLU A 275 16.82 -25.30 -25.14
N GLN A 276 17.01 -26.51 -24.62
CA GLN A 276 17.30 -27.65 -25.49
CA GLN A 276 17.30 -27.65 -25.48
C GLN A 276 16.10 -28.00 -26.36
N ALA A 277 14.89 -27.87 -25.82
CA ALA A 277 13.70 -28.16 -26.60
C ALA A 277 13.55 -27.17 -27.75
N ILE A 278 13.72 -25.88 -27.46
CA ILE A 278 13.61 -24.85 -28.50
C ILE A 278 14.63 -25.11 -29.60
N LYS A 279 15.87 -25.42 -29.20
CA LYS A 279 16.93 -25.66 -30.17
C LYS A 279 16.62 -26.85 -31.07
N ARG A 280 16.20 -27.97 -30.47
CA ARG A 280 15.81 -29.12 -31.27
C ARG A 280 14.65 -28.80 -32.20
N PHE A 281 13.64 -28.09 -31.70
CA PHE A 281 12.50 -27.76 -32.55
C PHE A 281 12.91 -26.84 -33.69
N GLN A 282 13.74 -25.84 -33.42
CA GLN A 282 14.16 -24.95 -34.49
C GLN A 282 15.02 -25.67 -35.51
N GLU A 283 15.83 -26.64 -35.06
CA GLU A 283 16.73 -27.32 -35.98
C GLU A 283 16.07 -28.47 -36.72
N ARG A 284 15.08 -29.14 -36.11
CA ARG A 284 14.52 -30.35 -36.69
C ARG A 284 13.01 -30.35 -36.84
N GLU A 285 12.27 -29.53 -36.09
CA GLU A 285 10.82 -29.47 -36.15
C GLU A 285 10.19 -30.86 -36.02
N ASP A 286 10.75 -31.70 -35.14
CA ASP A 286 10.32 -33.08 -35.01
C ASP A 286 9.75 -33.39 -33.64
N ILE A 287 9.44 -32.38 -32.83
CA ILE A 287 8.65 -32.55 -31.62
C ILE A 287 7.62 -31.45 -31.60
N LEU A 288 6.54 -31.69 -30.85
CA LEU A 288 5.68 -30.60 -30.40
C LEU A 288 5.72 -30.58 -28.89
N PHE A 289 5.80 -29.38 -28.32
CA PHE A 289 5.91 -29.27 -26.87
C PHE A 289 5.22 -27.99 -26.44
N SER A 290 4.68 -28.01 -25.23
CA SER A 290 3.91 -26.86 -24.78
C SER A 290 3.70 -26.91 -23.28
N GLU A 291 3.58 -25.73 -22.68
CA GLU A 291 2.94 -25.61 -21.37
C GLU A 291 1.61 -26.35 -21.39
N GLY A 292 1.22 -26.85 -20.22
CA GLY A 292 -0.04 -27.56 -20.13
C GLY A 292 -1.10 -26.80 -19.37
N GLY A 293 -0.71 -25.82 -18.58
CA GLY A 293 -1.62 -25.15 -17.68
C GLY A 293 -2.20 -23.84 -18.17
N MET A 294 -1.94 -23.44 -19.41
CA MET A 294 -2.35 -22.14 -19.91
C MET A 294 -3.67 -22.27 -20.66
N LEU A 295 -4.58 -21.34 -20.38
CA LEU A 295 -5.86 -21.27 -21.07
C LEU A 295 -5.87 -20.10 -22.05
N ARG A 296 -6.69 -20.22 -23.09
CA ARG A 296 -6.94 -19.11 -24.00
C ARG A 296 -8.36 -18.64 -23.79
N SER A 297 -8.50 -17.44 -23.25
CA SER A 297 -9.83 -16.83 -23.09
C SER A 297 -10.39 -16.41 -24.45
N PRO A 298 -11.70 -16.51 -24.66
CA PRO A 298 -12.28 -16.01 -25.91
C PRO A 298 -12.26 -14.49 -26.02
N PHE A 299 -12.12 -13.78 -24.90
CA PHE A 299 -12.03 -12.34 -24.86
C PHE A 299 -10.62 -11.91 -24.47
N PRO A 300 -10.12 -10.81 -25.02
CA PRO A 300 -8.78 -10.36 -24.64
C PRO A 300 -8.78 -9.87 -23.20
N ILE A 301 -7.62 -10.04 -22.55
CA ILE A 301 -7.42 -9.71 -21.15
C ILE A 301 -6.54 -8.46 -21.07
N LYS A 302 -6.95 -7.49 -20.25
CA LYS A 302 -6.14 -6.29 -20.04
C LYS A 302 -5.24 -6.53 -18.84
N THR A 303 -3.93 -6.42 -19.04
CA THR A 303 -2.94 -6.66 -18.00
C THR A 303 -2.28 -5.35 -17.59
N THR A 304 -2.26 -5.08 -16.30
CA THR A 304 -1.51 -3.97 -15.71
C THR A 304 -0.31 -4.55 -14.99
N VAL A 305 0.88 -4.01 -15.27
CA VAL A 305 2.13 -4.55 -14.75
C VAL A 305 2.85 -3.46 -13.96
N HIS A 306 3.09 -3.75 -12.68
CA HIS A 306 3.94 -2.91 -11.83
C HIS A 306 5.15 -3.73 -11.44
N LEU A 307 6.31 -3.41 -12.02
CA LEU A 307 7.52 -4.14 -11.70
C LEU A 307 8.07 -3.69 -10.34
N LEU A 308 8.67 -4.63 -9.63
CA LEU A 308 9.41 -4.27 -8.43
C LEU A 308 10.54 -3.33 -8.83
N PRO A 309 10.61 -2.12 -8.26
CA PRO A 309 11.54 -1.10 -8.78
C PRO A 309 12.97 -1.58 -8.95
N SER A 310 13.41 -2.55 -8.16
CA SER A 310 14.68 -3.21 -8.42
C SER A 310 14.69 -3.85 -9.81
N VAL A 311 13.72 -4.74 -10.06
CA VAL A 311 13.63 -5.44 -11.33
C VAL A 311 13.43 -4.48 -12.49
N GLU A 312 12.68 -3.39 -12.27
CA GLU A 312 12.39 -2.45 -13.34
C GLU A 312 13.67 -1.83 -13.90
N LYS A 313 14.71 -1.72 -13.08
CA LYS A 313 15.96 -1.11 -13.52
C LYS A 313 16.97 -2.12 -14.04
N ILE A 314 17.11 -3.28 -13.38
CA ILE A 314 18.08 -4.27 -13.84
C ILE A 314 17.55 -5.04 -15.04
N MET A 315 16.34 -5.58 -14.94
CA MET A 315 15.68 -6.24 -16.07
C MET A 315 14.94 -5.21 -16.92
N ASN A 316 15.73 -4.28 -17.47
CA ASN A 316 15.20 -3.15 -18.23
C ASN A 316 15.67 -3.17 -19.68
N ASN A 317 15.91 -4.35 -20.23
CA ASN A 317 16.21 -4.44 -21.66
C ASN A 317 14.99 -3.98 -22.45
N ALA A 318 15.23 -3.16 -23.47
CA ALA A 318 14.13 -2.74 -24.33
C ALA A 318 13.45 -3.93 -24.98
N GLN A 319 14.18 -5.03 -25.18
CA GLN A 319 13.60 -6.26 -25.70
C GLN A 319 12.94 -7.10 -24.63
N LYS A 320 13.31 -6.90 -23.35
CA LYS A 320 12.61 -7.58 -22.26
C LYS A 320 11.17 -7.12 -22.12
N GLU A 321 10.75 -6.11 -22.89
CA GLU A 321 9.34 -5.73 -22.98
C GLU A 321 8.58 -6.70 -23.88
N ALA A 322 9.01 -7.96 -23.91
CA ALA A 322 8.16 -9.01 -24.44
C ALA A 322 6.88 -9.17 -23.61
N VAL A 323 6.89 -8.65 -22.39
CA VAL A 323 5.67 -8.55 -21.60
C VAL A 323 4.61 -7.76 -22.36
N PHE A 324 5.01 -6.63 -22.96
CA PHE A 324 4.09 -5.81 -23.73
C PHE A 324 3.47 -6.58 -24.90
N ASN A 325 4.13 -7.65 -25.36
CA ASN A 325 3.67 -8.39 -26.52
C ASN A 325 3.25 -9.83 -26.18
N SER A 326 3.21 -10.19 -24.90
CA SER A 326 2.70 -11.50 -24.53
C SER A 326 1.22 -11.61 -24.93
N ASN A 327 0.79 -12.83 -25.22
CA ASN A 327 -0.52 -13.07 -25.82
C ASN A 327 -1.63 -12.55 -24.89
N PRO A 328 -2.43 -11.59 -25.33
CA PRO A 328 -3.45 -11.01 -24.44
C PRO A 328 -4.65 -11.90 -24.20
N PHE A 329 -4.74 -13.06 -24.84
CA PHE A 329 -5.83 -13.98 -24.59
C PHE A 329 -5.49 -15.05 -23.55
N ASN A 330 -4.24 -15.10 -23.10
CA ASN A 330 -3.79 -16.22 -22.28
C ASN A 330 -3.92 -15.92 -20.80
N ILE A 331 -4.35 -16.94 -20.03
CA ILE A 331 -4.36 -16.86 -18.58
C ILE A 331 -4.13 -18.26 -18.03
N MET A 332 -3.34 -18.35 -16.96
CA MET A 332 -3.06 -19.65 -16.37
C MET A 332 -4.30 -20.19 -15.69
N GLY A 333 -4.52 -21.50 -15.82
CA GLY A 333 -5.73 -22.11 -15.28
C GLY A 333 -5.80 -22.03 -13.77
N CYS A 334 -4.65 -22.19 -13.11
CA CYS A 334 -4.63 -22.13 -11.65
C CYS A 334 -5.10 -20.77 -11.15
N ALA A 335 -4.54 -19.69 -11.69
CA ALA A 335 -4.97 -18.35 -11.31
C ALA A 335 -6.44 -18.12 -11.67
N PHE A 336 -6.85 -18.52 -12.87
CA PHE A 336 -8.24 -18.30 -13.29
C PHE A 336 -9.23 -19.06 -12.43
N SER A 337 -8.77 -20.13 -11.77
CA SER A 337 -9.64 -20.93 -10.92
C SER A 337 -10.28 -20.08 -9.81
N ALA A 338 -9.53 -19.10 -9.30
CA ALA A 338 -10.07 -18.25 -8.24
C ALA A 338 -11.25 -17.42 -8.76
N LEU A 339 -11.20 -16.99 -10.02
CA LEU A 339 -12.35 -16.32 -10.61
C LEU A 339 -13.49 -17.29 -10.87
N LEU A 340 -13.19 -18.53 -11.27
CA LEU A 340 -14.27 -19.50 -11.52
C LEU A 340 -15.04 -19.78 -10.24
N SER A 341 -14.34 -19.93 -9.11
CA SER A 341 -15.03 -20.19 -7.86
C SER A 341 -15.89 -19.02 -7.41
N SER A 342 -15.59 -17.81 -7.85
CA SER A 342 -16.41 -16.67 -7.47
C SER A 342 -17.55 -16.39 -8.46
N GLN A 343 -17.40 -16.82 -9.71
CA GLN A 343 -18.47 -16.72 -10.71
C GLN A 343 -19.46 -17.86 -10.64
N PHE A 344 -18.99 -19.08 -10.33
CA PHE A 344 -19.79 -20.29 -10.41
C PHE A 344 -19.67 -21.02 -9.07
N GLU A 345 -20.73 -20.94 -8.26
CA GLU A 345 -20.65 -21.46 -6.89
C GLU A 345 -20.42 -22.95 -6.85
N GLN A 346 -20.83 -23.68 -7.89
CA GLN A 346 -20.65 -25.13 -7.93
CA GLN A 346 -20.65 -25.13 -7.89
C GLN A 346 -19.18 -25.52 -7.98
N LEU A 347 -18.32 -24.66 -8.53
CA LEU A 347 -16.89 -24.94 -8.64
C LEU A 347 -16.23 -24.57 -7.33
N GLU A 348 -16.38 -25.46 -6.35
CA GLU A 348 -15.89 -25.19 -5.01
C GLU A 348 -14.37 -25.14 -4.98
N PRO A 349 -13.80 -24.27 -4.13
CA PRO A 349 -12.33 -24.25 -3.99
C PRO A 349 -11.81 -25.59 -3.48
N THR A 350 -10.57 -25.89 -3.84
CA THR A 350 -9.94 -27.15 -3.48
C THR A 350 -8.79 -26.90 -2.51
N VAL A 351 -8.80 -27.63 -1.40
CA VAL A 351 -7.65 -27.72 -0.51
C VAL A 351 -7.46 -29.19 -0.16
N GLY A 352 -6.20 -29.62 -0.09
CA GLY A 352 -5.88 -31.01 0.11
C GLY A 352 -5.89 -31.77 -1.21
N ILE A 353 -5.54 -33.05 -1.10
CA ILE A 353 -5.70 -33.97 -2.22
C ILE A 353 -7.18 -34.31 -2.30
N CYS A 354 -7.83 -33.88 -3.38
CA CYS A 354 -9.27 -33.99 -3.53
C CYS A 354 -9.61 -35.09 -4.54
N ASP A 355 -10.82 -35.66 -4.38
CA ASP A 355 -11.23 -36.76 -5.24
C ASP A 355 -11.18 -36.38 -6.71
N GLY A 356 -11.48 -35.12 -7.03
CA GLY A 356 -11.20 -34.59 -8.33
C GLY A 356 -12.05 -35.08 -9.47
N GLU A 357 -13.06 -35.92 -9.22
CA GLU A 357 -14.02 -36.21 -10.27
C GLU A 357 -14.81 -34.96 -10.67
N GLN A 358 -14.86 -33.96 -9.78
CA GLN A 358 -15.39 -32.64 -10.10
C GLN A 358 -14.53 -31.90 -11.11
N SER A 359 -13.39 -32.46 -11.52
CA SER A 359 -12.61 -31.85 -12.60
C SER A 359 -13.44 -31.77 -13.87
N GLU A 360 -14.38 -32.70 -14.06
CA GLU A 360 -15.26 -32.66 -15.22
C GLU A 360 -16.06 -31.37 -15.25
N LEU A 361 -16.50 -30.90 -14.08
CA LEU A 361 -17.27 -29.66 -14.01
C LEU A 361 -16.45 -28.46 -14.48
N HIS A 362 -15.16 -28.44 -14.14
CA HIS A 362 -14.30 -27.36 -14.63
C HIS A 362 -14.10 -27.46 -16.13
N TYR A 363 -13.87 -28.67 -16.63
CA TYR A 363 -13.73 -28.87 -18.07
C TYR A 363 -14.99 -28.44 -18.81
N GLN A 364 -16.15 -28.84 -18.30
CA GLN A 364 -17.42 -28.51 -18.95
C GLN A 364 -17.67 -27.01 -18.98
N ILE A 365 -17.41 -26.32 -17.86
CA ILE A 365 -17.69 -24.88 -17.84
C ILE A 365 -16.72 -24.13 -18.76
N LEU A 366 -15.45 -24.56 -18.81
CA LEU A 366 -14.53 -23.93 -19.75
C LEU A 366 -14.98 -24.13 -21.19
N GLN A 367 -15.46 -25.33 -21.52
CA GLN A 367 -15.96 -25.58 -22.87
C GLN A 367 -17.18 -24.72 -23.17
N GLU A 368 -18.10 -24.59 -22.22
CA GLU A 368 -19.27 -23.74 -22.40
C GLU A 368 -18.87 -22.28 -22.63
N LEU A 369 -17.84 -21.82 -21.93
CA LEU A 369 -17.40 -20.44 -22.08
C LEU A 369 -16.49 -20.24 -23.30
N GLU A 370 -16.23 -21.32 -24.06
CA GLU A 370 -15.42 -21.28 -25.28
C GLU A 370 -13.96 -20.93 -24.98
N PHE A 371 -13.47 -21.39 -23.84
CA PHE A 371 -12.03 -21.44 -23.60
C PHE A 371 -11.42 -22.63 -24.36
N GLU A 372 -10.15 -22.49 -24.72
CA GLU A 372 -9.38 -23.65 -25.15
C GLU A 372 -8.01 -23.54 -24.52
N ALA A 373 -7.14 -24.49 -24.84
CA ALA A 373 -5.75 -24.40 -24.40
C ALA A 373 -5.07 -23.25 -25.12
N GLY A 374 -4.13 -22.62 -24.43
CA GLY A 374 -3.31 -21.61 -25.10
C GLY A 374 -2.59 -22.21 -26.29
N ASP A 375 -2.34 -21.38 -27.30
CA ASP A 375 -1.56 -21.82 -28.45
C ASP A 375 -0.23 -22.39 -27.98
N LEU A 376 0.24 -23.43 -28.67
CA LEU A 376 1.42 -24.16 -28.22
C LEU A 376 2.59 -23.21 -28.00
N HIS A 377 3.16 -23.28 -26.80
CA HIS A 377 4.22 -22.35 -26.42
C HIS A 377 4.91 -22.93 -25.20
N CYS A 378 6.12 -22.46 -24.96
CA CYS A 378 6.88 -22.90 -23.79
C CYS A 378 7.63 -21.69 -23.26
N GLU A 379 7.24 -21.23 -22.07
CA GLU A 379 7.76 -20.01 -21.47
C GLU A 379 7.72 -18.85 -22.47
N HIS A 380 8.88 -18.33 -22.86
CA HIS A 380 8.91 -17.17 -23.73
C HIS A 380 8.72 -17.49 -25.21
N TYR A 381 8.71 -18.77 -25.58
CA TYR A 381 8.81 -19.19 -26.97
C TYR A 381 7.47 -19.72 -27.47
N VAL A 382 6.93 -19.09 -28.52
CA VAL A 382 5.73 -19.55 -29.22
C VAL A 382 6.16 -20.38 -30.42
N LEU A 383 5.63 -21.60 -30.54
CA LEU A 383 5.93 -22.43 -31.70
C LEU A 383 5.23 -21.86 -32.94
N PRO A 384 5.97 -21.49 -33.99
CA PRO A 384 5.33 -20.86 -35.15
C PRO A 384 4.35 -21.80 -35.83
N ALA A 385 3.22 -21.24 -36.29
CA ALA A 385 2.16 -22.08 -36.85
C ALA A 385 2.65 -22.85 -38.07
N LYS A 386 3.51 -22.24 -38.90
CA LYS A 386 4.00 -22.97 -40.07
C LYS A 386 4.92 -24.10 -39.68
N SER A 387 5.71 -23.94 -38.61
CA SER A 387 6.54 -25.05 -38.14
C SER A 387 5.69 -26.18 -37.59
N ILE A 388 4.61 -25.85 -36.89
CA ILE A 388 3.66 -26.89 -36.47
C ILE A 388 3.07 -27.60 -37.67
N ALA A 389 2.71 -26.85 -38.71
CA ALA A 389 2.17 -27.47 -39.91
C ALA A 389 3.17 -28.42 -40.55
N ASN A 390 4.46 -28.04 -40.55
CA ASN A 390 5.51 -28.91 -41.08
C ASN A 390 5.60 -30.22 -40.30
N PHE A 391 5.61 -30.11 -38.96
CA PHE A 391 5.57 -31.31 -38.12
C PHE A 391 4.37 -32.18 -38.48
N ARG A 392 3.20 -31.56 -38.59
CA ARG A 392 1.97 -32.29 -38.86
C ARG A 392 2.04 -33.00 -40.20
N GLN A 393 2.66 -32.35 -41.19
CA GLN A 393 2.81 -32.95 -42.50
C GLN A 393 3.69 -34.20 -42.44
N ARG A 394 4.68 -34.21 -41.55
CA ARG A 394 5.64 -35.32 -41.48
C ARG A 394 5.25 -36.40 -40.48
N PHE A 395 4.64 -36.03 -39.34
CA PHE A 395 4.42 -36.97 -38.26
C PHE A 395 2.95 -37.17 -37.91
N GLY A 396 2.03 -36.57 -38.66
CA GLY A 396 0.63 -36.84 -38.49
C GLY A 396 0.24 -38.20 -39.04
N LYS A 397 -1.03 -38.54 -38.87
CA LYS A 397 -1.52 -39.83 -39.35
C LYS A 397 -2.68 -39.65 -40.33
N ALA B 3 16.39 8.26 20.47
CA ALA B 3 16.34 7.09 19.59
C ALA B 3 15.42 6.03 20.17
N GLU B 4 15.15 6.13 21.46
CA GLU B 4 14.21 5.22 22.11
C GLU B 4 12.77 5.49 21.70
N TYR B 5 12.48 6.71 21.22
CA TYR B 5 11.11 7.10 20.90
C TYR B 5 10.91 7.49 19.45
N VAL B 6 11.97 7.52 18.64
CA VAL B 6 11.85 7.77 17.21
C VAL B 6 12.49 6.59 16.48
N GLN B 7 11.68 5.86 15.71
CA GLN B 7 12.10 4.68 14.99
C GLN B 7 11.94 4.92 13.49
N PHE B 8 13.00 4.67 12.73
CA PHE B 8 12.98 4.85 11.29
C PHE B 8 12.69 3.52 10.61
N GLU B 9 11.67 3.52 9.76
CA GLU B 9 11.22 2.32 9.07
C GLU B 9 11.54 2.47 7.58
N SER B 10 12.35 1.55 7.05
CA SER B 10 12.75 1.61 5.65
C SER B 10 11.63 1.19 4.70
N ARG B 11 10.64 0.45 5.19
CA ARG B 11 9.58 -0.09 4.33
C ARG B 11 8.30 0.73 4.45
N SER B 12 7.48 0.65 3.39
CA SER B 12 6.22 1.38 3.32
C SER B 12 5.33 1.06 4.52
N LEU B 13 4.87 2.11 5.21
CA LEU B 13 3.93 1.91 6.31
C LEU B 13 2.62 1.34 5.80
N LEU B 14 2.18 1.79 4.61
CA LEU B 14 0.98 1.25 4.00
C LEU B 14 1.10 -0.25 3.77
N SER B 15 2.24 -0.69 3.22
CA SER B 15 2.43 -2.12 2.98
C SER B 15 2.45 -2.90 4.29
N LEU B 16 3.17 -2.38 5.29
CA LEU B 16 3.23 -3.06 6.58
C LEU B 16 1.83 -3.17 7.20
N PHE B 17 1.01 -2.15 7.04
CA PHE B 17 -0.35 -2.21 7.58
C PHE B 17 -1.18 -3.27 6.88
N THR B 18 -1.07 -3.36 5.55
CA THR B 18 -1.98 -4.23 4.83
C THR B 18 -1.68 -5.71 5.08
N VAL B 19 -0.50 -6.05 5.61
CA VAL B 19 -0.19 -7.43 5.95
C VAL B 19 -0.34 -7.69 7.44
N GLY B 20 -0.86 -6.73 8.20
CA GLY B 20 -1.06 -6.93 9.62
C GLY B 20 0.16 -6.75 10.49
N LYS B 21 1.26 -6.22 9.94
CA LYS B 21 2.47 -6.08 10.74
C LYS B 21 2.47 -4.84 11.62
N ILE B 22 1.69 -3.82 11.29
CA ILE B 22 1.48 -2.69 12.20
CA ILE B 22 1.49 -2.69 12.20
C ILE B 22 -0.02 -2.49 12.37
N PRO B 23 -0.48 -2.12 13.57
CA PRO B 23 -1.92 -2.02 13.83
C PRO B 23 -2.52 -0.82 13.10
N PRO B 24 -3.85 -0.79 12.93
CA PRO B 24 -4.49 0.41 12.39
C PRO B 24 -4.27 1.61 13.30
N VAL B 25 -4.55 2.78 12.74
CA VAL B 25 -4.49 4.02 13.49
C VAL B 25 -5.91 4.43 13.86
N ASP B 26 -6.01 5.32 14.85
CA ASP B 26 -7.31 5.82 15.28
C ASP B 26 -7.68 7.13 14.61
N ALA B 27 -6.71 7.87 14.09
CA ALA B 27 -6.93 9.17 13.48
C ALA B 27 -5.77 9.44 12.53
N ALA B 28 -5.91 10.54 11.77
CA ALA B 28 -4.85 10.96 10.88
C ALA B 28 -4.80 12.47 10.83
N ALA B 29 -3.69 13.00 10.30
CA ALA B 29 -3.52 14.43 10.08
C ALA B 29 -2.87 14.61 8.71
N LEU B 30 -3.45 15.49 7.91
CA LEU B 30 -2.93 15.78 6.57
C LEU B 30 -2.01 16.99 6.62
N CYS B 31 -0.83 16.85 6.01
CA CYS B 31 0.12 17.95 5.88
C CYS B 31 0.55 18.04 4.42
N TYR B 32 1.46 18.97 4.15
CA TYR B 32 1.97 19.21 2.80
C TYR B 32 3.46 19.49 2.89
N TRP B 33 4.11 19.55 1.73
CA TRP B 33 5.57 19.64 1.66
C TRP B 33 6.09 21.07 1.73
N GLY B 34 5.53 21.89 2.61
CA GLY B 34 6.07 23.23 2.79
C GLY B 34 5.89 24.09 1.55
N GLU B 35 6.88 24.93 1.28
CA GLU B 35 6.85 25.85 0.15
C GLU B 35 7.98 25.52 -0.82
N TYR B 36 7.69 25.65 -2.11
CA TYR B 36 8.67 25.35 -3.15
C TYR B 36 9.57 26.57 -3.38
N ASP B 37 10.85 26.42 -3.08
CA ASP B 37 11.83 27.49 -3.32
C ASP B 37 12.65 27.14 -4.56
N PRO B 38 12.43 27.80 -5.70
CA PRO B 38 13.19 27.44 -6.91
C PRO B 38 14.70 27.59 -6.76
N GLU B 39 15.14 28.56 -5.96
CA GLU B 39 16.59 28.75 -5.76
C GLU B 39 17.18 27.58 -4.96
N MET B 40 16.56 27.23 -3.83
CA MET B 40 17.12 26.19 -2.99
C MET B 40 17.06 24.82 -3.66
N PHE B 41 15.96 24.51 -4.32
CA PHE B 41 15.78 23.20 -4.93
C PHE B 41 16.56 23.06 -6.21
N ASP B 42 16.95 21.82 -6.52
CA ASP B 42 17.70 21.52 -7.74
C ASP B 42 16.76 21.19 -8.90
N TRP B 43 15.71 20.40 -8.66
CA TRP B 43 14.77 20.01 -9.69
C TRP B 43 13.67 21.07 -9.82
N SER B 44 12.68 20.79 -10.66
CA SER B 44 11.56 21.70 -10.87
C SER B 44 10.36 21.28 -10.02
N ARG B 45 9.34 22.15 -10.01
CA ARG B 45 8.14 21.87 -9.22
C ARG B 45 7.37 20.68 -9.79
N ASP B 46 7.16 20.67 -11.11
CA ASP B 46 6.42 19.56 -11.71
C ASP B 46 7.21 18.26 -11.67
N TYR B 47 8.54 18.33 -11.73
CA TYR B 47 9.35 17.13 -11.59
C TYR B 47 9.17 16.49 -10.22
N MET B 48 9.08 17.32 -9.17
CA MET B 48 8.90 16.76 -7.83
C MET B 48 7.49 16.28 -7.61
N ILE B 49 6.50 16.95 -8.21
CA ILE B 49 5.11 16.54 -8.00
C ILE B 49 4.82 15.23 -8.73
N GLU B 50 5.35 15.07 -9.94
CA GLU B 50 5.02 13.90 -10.74
C GLU B 50 6.01 12.76 -10.57
N ASN B 51 7.30 13.05 -10.36
CA ASN B 51 8.31 12.00 -10.24
C ASN B 51 8.70 11.68 -8.81
N ILE B 52 8.62 12.64 -7.89
CA ILE B 52 9.02 12.44 -6.50
C ILE B 52 7.81 12.14 -5.61
N PHE B 53 6.75 12.94 -5.72
CA PHE B 53 5.54 12.67 -4.95
C PHE B 53 4.62 11.67 -5.65
N GLU B 54 4.76 11.53 -6.97
CA GLU B 54 3.93 10.66 -7.80
C GLU B 54 2.44 10.99 -7.71
N ASN B 55 2.11 12.24 -7.37
CA ASN B 55 0.72 12.68 -7.21
C ASN B 55 -0.07 11.78 -6.26
N LEU B 56 0.63 11.21 -5.27
CA LEU B 56 -0.02 10.32 -4.32
C LEU B 56 0.23 10.82 -2.90
N PRO B 57 -0.76 10.69 -2.01
CA PRO B 57 -0.50 10.96 -0.59
C PRO B 57 0.49 9.94 -0.04
N PHE B 58 1.28 10.38 0.92
CA PHE B 58 2.37 9.57 1.45
C PHE B 58 2.22 9.44 2.96
N TRP B 59 1.97 8.22 3.43
CA TRP B 59 1.90 7.95 4.86
C TRP B 59 3.32 7.91 5.41
N THR B 60 3.72 8.96 6.13
CA THR B 60 5.11 9.13 6.51
C THR B 60 5.40 8.90 7.99
N MET B 61 4.43 9.10 8.88
CA MET B 61 4.69 8.94 10.30
C MET B 61 3.51 8.30 11.03
N ILE B 62 3.82 7.65 12.14
CA ILE B 62 2.84 7.20 13.11
C ILE B 62 3.25 7.78 14.46
N LYS B 63 2.30 8.41 15.15
CA LYS B 63 2.51 8.90 16.50
C LYS B 63 1.69 8.03 17.45
N GLN B 64 2.38 7.22 18.25
CA GLN B 64 1.73 6.39 19.25
C GLN B 64 1.69 7.16 20.56
N THR B 65 0.49 7.60 20.95
CA THR B 65 0.28 8.30 22.21
C THR B 65 -0.47 7.41 23.17
N ASN B 66 -0.63 7.90 24.40
CA ASN B 66 -1.40 7.20 25.41
C ASN B 66 -2.90 7.28 25.15
N TRP B 67 -3.33 7.99 24.11
CA TRP B 67 -4.74 8.12 23.77
C TRP B 67 -5.02 7.68 22.33
N GLY B 68 -4.12 6.90 21.74
CA GLY B 68 -4.35 6.35 20.42
C GLY B 68 -3.24 6.69 19.45
N ARG B 69 -3.37 6.14 18.25
CA ARG B 69 -2.38 6.25 17.19
C ARG B 69 -2.89 7.19 16.11
N ILE B 70 -2.02 8.06 15.62
CA ILE B 70 -2.37 8.97 14.55
C ILE B 70 -1.37 8.82 13.42
N ALA B 71 -1.87 8.71 12.20
CA ALA B 71 -1.03 8.67 11.01
C ALA B 71 -0.84 10.07 10.44
N ILE B 72 0.39 10.42 10.11
CA ILE B 72 0.72 11.67 9.45
C ILE B 72 0.85 11.37 7.95
N ILE B 73 0.02 12.02 7.14
CA ILE B 73 -0.07 11.76 5.70
C ILE B 73 0.24 13.05 4.96
N ALA B 74 1.26 13.02 4.10
CA ALA B 74 1.65 14.20 3.33
C ALA B 74 0.93 14.23 1.99
N LEU B 75 0.25 15.34 1.70
CA LEU B 75 -0.32 15.55 0.38
C LEU B 75 0.80 15.81 -0.63
N PRO B 76 0.62 15.36 -1.89
CA PRO B 76 1.64 15.55 -2.93
C PRO B 76 1.61 16.96 -3.53
N ARG B 77 1.60 17.97 -2.66
CA ARG B 77 1.47 19.36 -3.09
C ARG B 77 2.32 20.24 -2.19
N PHE B 78 2.66 21.42 -2.72
CA PHE B 78 3.21 22.51 -1.93
C PHE B 78 2.08 23.46 -1.54
N VAL B 79 2.37 24.31 -0.56
CA VAL B 79 1.31 25.15 0.02
C VAL B 79 0.76 26.11 -1.01
N SER B 80 1.62 26.62 -1.91
CA SER B 80 1.14 27.55 -2.93
C SER B 80 0.19 26.86 -3.91
N ASP B 81 0.33 25.54 -4.08
CA ASP B 81 -0.60 24.82 -4.96
C ASP B 81 -1.99 24.76 -4.37
N LEU B 82 -2.12 24.80 -3.04
CA LEU B 82 -3.43 24.73 -2.42
C LEU B 82 -4.19 26.04 -2.59
N TYR B 83 -3.51 27.17 -2.40
CA TYR B 83 -4.18 28.46 -2.52
C TYR B 83 -4.54 28.80 -3.96
N SER B 84 -3.72 28.37 -4.92
CA SER B 84 -3.96 28.73 -6.30
C SER B 84 -5.05 27.89 -6.95
N ASN B 85 -5.22 26.64 -6.52
CA ASN B 85 -6.16 25.71 -7.15
C ASN B 85 -6.89 24.95 -6.04
N GLN B 86 -8.03 25.51 -5.60
CA GLN B 86 -8.80 24.85 -4.55
C GLN B 86 -9.40 23.54 -5.02
N ASP B 87 -9.75 23.45 -6.31
CA ASP B 87 -10.34 22.22 -6.84
C ASP B 87 -9.36 21.06 -6.76
N ASP B 88 -8.12 21.28 -7.23
CA ASP B 88 -7.10 20.23 -7.15
C ASP B 88 -6.76 19.89 -5.70
N ALA B 89 -6.77 20.89 -4.83
CA ALA B 89 -6.48 20.64 -3.42
C ALA B 89 -7.52 19.73 -2.80
N VAL B 90 -8.81 20.02 -3.04
CA VAL B 90 -9.87 19.18 -2.50
C VAL B 90 -9.81 17.78 -3.10
N GLN B 91 -9.36 17.67 -4.35
CA GLN B 91 -9.28 16.37 -5.01
C GLN B 91 -8.22 15.48 -4.37
N VAL B 92 -7.02 16.02 -4.14
CA VAL B 92 -5.98 15.23 -3.51
C VAL B 92 -6.30 14.98 -2.04
N ILE B 93 -7.02 15.90 -1.40
CA ILE B 93 -7.39 15.69 0.00
C ILE B 93 -8.37 14.52 0.13
N ILE B 94 -9.31 14.42 -0.80
CA ILE B 94 -10.28 13.33 -0.75
C ILE B 94 -9.59 11.99 -1.03
N GLU B 95 -8.59 11.98 -1.89
CA GLU B 95 -7.80 10.77 -2.10
C GLU B 95 -7.07 10.39 -0.82
N ALA B 96 -6.54 11.37 -0.09
CA ALA B 96 -5.87 11.06 1.16
C ALA B 96 -6.85 10.55 2.21
N LEU B 97 -8.08 11.08 2.21
CA LEU B 97 -9.09 10.63 3.16
C LEU B 97 -9.47 9.16 2.93
N GLU B 98 -9.50 8.72 1.67
CA GLU B 98 -9.81 7.32 1.41
C GLU B 98 -8.73 6.41 1.97
N MET B 99 -7.45 6.75 1.75
CA MET B 99 -6.36 6.01 2.36
C MET B 99 -6.46 6.03 3.89
N ALA B 100 -6.73 7.21 4.46
CA ALA B 100 -6.81 7.31 5.91
C ALA B 100 -7.90 6.41 6.47
N GLY B 101 -9.05 6.34 5.79
CA GLY B 101 -10.10 5.43 6.23
C GLY B 101 -9.66 3.98 6.21
N ILE B 102 -8.94 3.59 5.16
CA ILE B 102 -8.52 2.20 5.02
C ILE B 102 -7.61 1.79 6.16
N ILE B 103 -6.71 2.68 6.58
CA ILE B 103 -5.77 2.36 7.65
C ILE B 103 -6.35 2.57 9.04
N GLY B 104 -7.62 2.94 9.15
CA GLY B 104 -8.33 2.93 10.42
C GLY B 104 -8.77 4.27 10.95
N ALA B 105 -8.33 5.39 10.36
CA ALA B 105 -8.61 6.71 10.93
C ALA B 105 -10.11 7.00 10.92
N LYS B 106 -10.63 7.41 12.08
CA LYS B 106 -12.02 7.84 12.19
C LYS B 106 -12.18 9.34 12.00
N PHE B 107 -11.15 10.11 12.38
CA PHE B 107 -11.13 11.56 12.19
C PHE B 107 -9.80 11.95 11.58
N VAL B 108 -9.81 12.99 10.74
CA VAL B 108 -8.63 13.45 10.04
C VAL B 108 -8.51 14.96 10.22
N SER B 109 -7.38 15.39 10.79
CA SER B 109 -7.10 16.81 10.96
C SER B 109 -6.53 17.42 9.69
N LEU B 110 -6.93 18.65 9.41
CA LEU B 110 -6.40 19.43 8.28
C LEU B 110 -5.41 20.43 8.87
N THR B 111 -4.11 20.13 8.76
CA THR B 111 -3.11 20.95 9.43
C THR B 111 -2.67 22.13 8.56
N GLY B 112 -1.93 23.05 9.18
CA GLY B 112 -1.33 24.14 8.46
C GLY B 112 -2.37 25.03 7.79
N LEU B 113 -2.07 25.41 6.56
CA LEU B 113 -2.92 26.31 5.78
C LEU B 113 -4.01 25.59 5.00
N ILE B 114 -4.21 24.29 5.23
CA ILE B 114 -5.25 23.56 4.51
C ILE B 114 -6.63 24.14 4.77
N PRO B 115 -7.07 24.37 6.02
CA PRO B 115 -8.41 24.97 6.20
C PRO B 115 -8.52 26.34 5.56
N SER B 116 -7.50 27.18 5.70
CA SER B 116 -7.55 28.52 5.11
C SER B 116 -7.72 28.46 3.60
N ALA B 117 -7.22 27.41 2.95
CA ALA B 117 -7.29 27.28 1.50
C ALA B 117 -8.48 26.47 1.00
N THR B 118 -9.30 25.92 1.90
CA THR B 118 -10.41 25.05 1.49
C THR B 118 -11.71 25.48 2.15
N ASP B 119 -11.89 26.79 2.37
CA ASP B 119 -13.05 27.31 3.09
C ASP B 119 -13.22 26.62 4.43
N TYR B 120 -12.08 26.41 5.11
CA TYR B 120 -12.04 25.82 6.46
C TYR B 120 -12.73 24.45 6.49
N GLY B 121 -12.54 23.67 5.43
CA GLY B 121 -13.07 22.34 5.32
C GLY B 121 -14.40 22.25 4.59
N LEU B 122 -15.09 23.36 4.40
CA LEU B 122 -16.40 23.33 3.75
C LEU B 122 -16.29 22.90 2.29
N ALA B 123 -15.25 23.34 1.60
CA ALA B 123 -15.07 22.93 0.22
C ALA B 123 -14.83 21.43 0.12
N ILE B 124 -14.28 20.83 1.16
CA ILE B 124 -14.08 19.38 1.20
C ILE B 124 -15.40 18.66 1.43
N THR B 125 -16.13 19.04 2.49
CA THR B 125 -17.41 18.42 2.78
C THR B 125 -18.38 18.57 1.61
N LYS B 126 -18.27 19.64 0.83
CA LYS B 126 -19.13 19.80 -0.33
C LYS B 126 -18.79 18.79 -1.41
N ALA B 127 -17.50 18.53 -1.63
CA ALA B 127 -17.11 17.62 -2.71
C ALA B 127 -17.30 16.16 -2.33
N VAL B 128 -17.21 15.81 -1.03
CA VAL B 128 -17.48 14.45 -0.63
C VAL B 128 -18.98 14.15 -0.68
N ALA B 129 -19.81 15.19 -0.63
CA ALA B 129 -21.26 15.10 -0.84
C ALA B 129 -21.91 13.99 -0.02
N ASN B 130 -22.39 12.94 -0.69
CA ASN B 130 -23.11 11.86 -0.05
C ASN B 130 -22.27 10.61 0.15
N ARG B 131 -20.95 10.71 -0.01
CA ARG B 131 -20.08 9.58 0.30
C ARG B 131 -20.11 9.32 1.79
N GLU B 132 -20.36 8.06 2.17
CA GLU B 132 -20.54 7.68 3.56
C GLU B 132 -19.45 6.73 4.05
N ASP B 133 -18.35 6.60 3.31
CA ASP B 133 -17.25 5.73 3.71
C ASP B 133 -16.04 6.47 4.26
N LEU B 134 -15.93 7.78 4.00
CA LEU B 134 -14.73 8.53 4.37
C LEU B 134 -14.75 8.89 5.86
N PRO B 135 -13.58 9.08 6.47
CA PRO B 135 -13.54 9.58 7.84
C PRO B 135 -13.96 11.05 7.89
N LYS B 136 -14.34 11.48 9.09
CA LYS B 136 -14.75 12.86 9.31
C LYS B 136 -13.53 13.77 9.39
N ILE B 137 -13.66 14.98 8.83
CA ILE B 137 -12.56 15.94 8.83
C ILE B 137 -12.77 16.92 9.97
N THR B 138 -11.67 17.47 10.46
CA THR B 138 -11.70 18.53 11.46
C THR B 138 -10.57 19.49 11.18
N THR B 139 -10.81 20.79 11.40
CA THR B 139 -9.73 21.75 11.30
C THR B 139 -8.82 21.71 12.51
N GLY B 140 -9.31 21.19 13.64
CA GLY B 140 -8.53 21.12 14.86
C GLY B 140 -8.28 22.44 15.53
N HIS B 141 -8.90 23.53 15.07
CA HIS B 141 -8.51 24.85 15.52
C HIS B 141 -8.96 25.16 16.94
N ARG B 142 -9.93 24.42 17.49
CA ARG B 142 -10.27 24.59 18.89
C ARG B 142 -9.17 24.03 19.79
N THR B 143 -8.53 22.94 19.37
CA THR B 143 -7.40 22.43 20.12
C THR B 143 -6.16 23.30 19.90
N THR B 144 -5.97 23.80 18.67
CA THR B 144 -4.90 24.75 18.42
C THR B 144 -5.05 25.99 19.31
N GLY B 145 -6.28 26.52 19.38
CA GLY B 145 -6.53 27.65 20.25
C GLY B 145 -6.21 27.37 21.70
N ALA B 146 -6.54 26.17 22.18
CA ALA B 146 -6.20 25.82 23.56
C ALA B 146 -4.70 25.74 23.76
N ALA B 147 -3.98 25.23 22.77
CA ALA B 147 -2.52 25.16 22.86
C ALA B 147 -1.91 26.55 22.92
N VAL B 148 -2.47 27.49 22.15
CA VAL B 148 -1.95 28.86 22.17
C VAL B 148 -2.19 29.50 23.53
N VAL B 149 -3.39 29.33 24.08
CA VAL B 149 -3.68 29.87 25.41
C VAL B 149 -2.79 29.22 26.46
N LEU B 150 -2.50 27.92 26.29
CA LEU B 150 -1.55 27.26 27.19
C LEU B 150 -0.15 27.81 27.03
N THR B 151 0.22 28.23 25.81
CA THR B 151 1.55 28.80 25.58
C THR B 151 1.64 30.21 26.14
N ILE B 152 0.57 31.00 26.00
CA ILE B 152 0.52 32.32 26.63
C ILE B 152 0.73 32.20 28.12
N LYS B 153 0.03 31.24 28.74
CA LYS B 153 0.17 31.00 30.17
C LYS B 153 1.61 30.62 30.53
N LYS B 154 2.24 29.80 29.69
CA LYS B 154 3.58 29.31 30.00
C LYS B 154 4.64 30.38 29.77
N ILE B 155 4.51 31.16 28.70
CA ILE B 155 5.53 32.17 28.41
C ILE B 155 5.48 33.31 29.43
N CYS B 156 4.32 33.54 30.03
CA CYS B 156 4.24 34.50 31.13
C CYS B 156 4.75 33.88 32.44
N GLU B 157 4.50 32.59 32.64
CA GLU B 157 5.08 31.88 33.78
C GLU B 157 6.59 31.99 33.78
N GLN B 158 7.23 31.67 32.66
CA GLN B 158 8.69 31.57 32.63
C GLN B 158 9.36 32.93 32.52
N GLY B 159 8.71 33.89 31.88
CA GLY B 159 9.26 35.22 31.80
C GLY B 159 9.09 36.05 33.06
N GLY B 160 8.38 35.52 34.05
CA GLY B 160 8.11 36.27 35.28
C GLY B 160 7.22 37.46 35.06
N ARG B 161 6.14 37.30 34.28
CA ARG B 161 5.28 38.40 33.90
C ARG B 161 3.84 38.06 34.23
N ASP B 162 3.06 39.11 34.54
CA ASP B 162 1.66 38.98 34.87
C ASP B 162 0.83 39.41 33.66
N LEU B 163 -0.06 38.51 33.21
CA LEU B 163 -0.84 38.81 32.01
C LEU B 163 -1.78 39.98 32.21
N SER B 164 -2.26 40.19 33.44
CA SER B 164 -3.18 41.29 33.71
C SER B 164 -2.52 42.65 33.51
N THR B 165 -1.19 42.71 33.47
CA THR B 165 -0.46 43.96 33.24
C THR B 165 0.13 44.05 31.84
N GLU B 166 -0.10 43.05 30.99
CA GLU B 166 0.47 43.06 29.66
C GLU B 166 -0.38 43.89 28.70
N LYS B 167 0.25 44.36 27.64
CA LYS B 167 -0.44 44.97 26.50
C LYS B 167 -0.33 43.97 25.35
N VAL B 168 -1.44 43.29 25.06
CA VAL B 168 -1.44 42.15 24.14
C VAL B 168 -1.81 42.63 22.74
N GLY B 169 -1.00 42.23 21.76
CA GLY B 169 -1.30 42.52 20.37
C GLY B 169 -1.54 41.26 19.57
N PHE B 170 -2.71 41.15 18.96
CA PHE B 170 -3.06 40.01 18.12
C PHE B 170 -2.78 40.37 16.66
N ILE B 171 -1.95 39.56 16.01
CA ILE B 171 -1.62 39.74 14.61
C ILE B 171 -2.25 38.58 13.86
N GLY B 172 -3.36 38.85 13.18
CA GLY B 172 -4.06 37.82 12.42
C GLY B 172 -5.25 37.27 13.17
N LEU B 173 -6.45 37.75 12.82
CA LEU B 173 -7.65 37.28 13.50
C LEU B 173 -8.50 36.46 12.55
N GLY B 174 -7.92 35.38 12.02
CA GLY B 174 -8.68 34.43 11.22
C GLY B 174 -9.25 33.33 12.08
N SER B 175 -9.27 32.10 11.56
CA SER B 175 -9.89 31.00 12.29
C SER B 175 -9.18 30.74 13.62
N VAL B 176 -7.86 30.63 13.58
CA VAL B 176 -7.11 30.34 14.80
C VAL B 176 -7.15 31.55 15.74
N GLY B 177 -6.86 32.74 15.20
CA GLY B 177 -6.81 33.93 16.04
C GLY B 177 -8.09 34.16 16.81
N MET B 178 -9.24 33.94 16.16
CA MET B 178 -10.51 34.14 16.83
C MET B 178 -10.91 32.96 17.71
N ASN B 179 -10.19 31.85 17.66
CA ASN B 179 -10.32 30.85 18.71
C ASN B 179 -9.55 31.26 19.95
N VAL B 180 -8.36 31.86 19.74
CA VAL B 180 -7.46 32.18 20.85
C VAL B 180 -8.02 33.33 21.68
N LEU B 181 -8.51 34.38 21.02
CA LEU B 181 -8.86 35.61 21.76
C LEU B 181 -9.96 35.39 22.79
N PRO B 182 -11.14 34.88 22.43
CA PRO B 182 -12.15 34.63 23.47
C PRO B 182 -11.69 33.64 24.52
N LEU B 183 -10.94 32.60 24.13
CA LEU B 183 -10.51 31.60 25.10
C LEU B 183 -9.51 32.18 26.09
N MET B 184 -8.59 33.03 25.62
CA MET B 184 -7.66 33.70 26.52
C MET B 184 -8.41 34.50 27.58
N LEU B 185 -9.41 35.29 27.15
CA LEU B 185 -10.19 36.08 28.10
C LEU B 185 -10.94 35.20 29.09
N LYS B 186 -11.40 34.03 28.64
CA LYS B 186 -12.20 33.17 29.50
C LYS B 186 -11.35 32.49 30.57
N CYS B 187 -10.16 32.02 30.20
CA CYS B 187 -9.36 31.15 31.07
C CYS B 187 -8.22 31.84 31.78
N LEU B 188 -7.78 33.00 31.30
CA LEU B 188 -6.62 33.68 31.84
C LEU B 188 -7.02 35.08 32.32
N PRO B 189 -6.20 35.69 33.18
CA PRO B 189 -6.52 37.05 33.64
C PRO B 189 -6.52 38.05 32.50
N HIS B 190 -7.54 38.92 32.50
CA HIS B 190 -7.69 39.88 31.42
C HIS B 190 -6.48 40.81 31.38
N PRO B 191 -5.91 41.06 30.20
CA PRO B 191 -4.77 41.98 30.11
C PRO B 191 -5.21 43.43 30.25
N GLN B 192 -4.21 44.31 30.32
CA GLN B 192 -4.47 45.74 30.46
C GLN B 192 -4.97 46.35 29.16
N GLU B 193 -4.49 45.86 28.02
CA GLU B 193 -4.81 46.44 26.73
C GLU B 193 -4.73 45.36 25.67
N ILE B 194 -5.59 45.47 24.66
CA ILE B 194 -5.61 44.55 23.52
C ILE B 194 -5.57 45.37 22.24
N THR B 195 -4.63 45.05 21.36
CA THR B 195 -4.59 45.60 20.00
C THR B 195 -4.93 44.50 19.01
N LEU B 196 -5.85 44.80 18.09
CA LEU B 196 -6.28 43.89 17.05
C LEU B 196 -5.71 44.35 15.73
N CYS B 197 -4.92 43.48 15.08
CA CYS B 197 -4.25 43.81 13.84
C CYS B 197 -4.60 42.78 12.78
N ASP B 198 -5.15 43.24 11.66
CA ASP B 198 -5.34 42.40 10.48
C ASP B 198 -5.25 43.32 9.26
N VAL B 199 -5.50 42.76 8.08
CA VAL B 199 -5.32 43.53 6.84
C VAL B 199 -6.42 44.59 6.72
N TYR B 200 -6.14 45.61 5.90
CA TYR B 200 -7.02 46.77 5.80
C TYR B 200 -8.45 46.37 5.47
N SER B 201 -8.62 45.35 4.63
CA SER B 201 -9.95 44.99 4.13
C SER B 201 -10.82 44.32 5.19
N LYS B 202 -10.28 44.03 6.37
CA LYS B 202 -11.06 43.42 7.44
C LYS B 202 -11.38 44.41 8.56
N LEU B 203 -11.39 45.71 8.25
CA LEU B 203 -11.65 46.72 9.27
C LEU B 203 -13.01 46.53 9.92
N GLU B 204 -14.06 46.41 9.11
CA GLU B 204 -15.39 46.22 9.68
C GLU B 204 -15.46 44.94 10.51
N PHE B 205 -14.75 43.91 10.07
CA PHE B 205 -14.66 42.67 10.85
C PHE B 205 -14.01 42.91 12.21
N LEU B 206 -12.91 43.67 12.23
CA LEU B 206 -12.24 43.96 13.50
C LEU B 206 -13.11 44.83 14.40
N GLU B 207 -13.84 45.78 13.82
CA GLU B 207 -14.73 46.63 14.60
C GLU B 207 -15.80 45.80 15.27
N ASN B 208 -16.30 44.76 14.59
CA ASN B 208 -17.28 43.86 15.19
C ASN B 208 -16.67 43.07 16.34
N ILE B 209 -15.40 42.65 16.19
CA ILE B 209 -14.71 41.98 17.29
C ILE B 209 -14.62 42.92 18.50
N GLU B 210 -14.31 44.18 18.26
CA GLU B 210 -14.20 45.15 19.35
C GLU B 210 -15.50 45.24 20.13
N GLN B 211 -16.64 45.34 19.44
CA GLN B 211 -17.92 45.38 20.12
C GLN B 211 -18.16 44.11 20.92
N ASN B 212 -17.79 42.96 20.36
CA ASN B 212 -17.94 41.71 21.12
C ASN B 212 -17.04 41.69 22.34
N LEU B 213 -15.86 42.31 22.27
CA LEU B 213 -14.97 42.33 23.44
C LEU B 213 -15.61 43.07 24.60
N VAL B 214 -16.35 44.15 24.33
CA VAL B 214 -16.89 44.96 25.40
C VAL B 214 -18.28 44.51 25.81
N HIS B 215 -19.10 44.08 24.86
CA HIS B 215 -20.50 43.78 25.14
C HIS B 215 -20.81 42.28 25.21
N LYS B 216 -19.87 41.42 24.83
CA LYS B 216 -20.09 39.97 24.93
C LYS B 216 -19.10 39.29 25.86
N PHE B 217 -17.81 39.60 25.75
CA PHE B 217 -16.78 38.92 26.53
C PHE B 217 -16.36 39.70 27.77
N GLY B 218 -16.93 40.88 28.00
CA GLY B 218 -16.66 41.62 29.23
C GLY B 218 -15.22 42.04 29.42
N PHE B 219 -14.57 42.55 28.37
CA PHE B 219 -13.23 43.09 28.49
C PHE B 219 -13.31 44.58 28.79
N LYS B 220 -12.71 44.98 29.91
CA LYS B 220 -12.83 46.36 30.40
C LYS B 220 -11.62 47.22 30.07
N GLY B 221 -10.55 46.65 29.55
CA GLY B 221 -9.34 47.39 29.26
C GLY B 221 -9.44 48.17 27.96
N LYS B 222 -8.29 48.73 27.58
CA LYS B 222 -8.21 49.51 26.36
C LYS B 222 -8.18 48.60 25.14
N ILE B 223 -8.93 48.98 24.11
CA ILE B 223 -8.97 48.28 22.83
C ILE B 223 -8.51 49.23 21.73
N LYS B 224 -7.59 48.77 20.90
CA LYS B 224 -7.09 49.56 19.78
C LYS B 224 -7.09 48.71 18.52
N LEU B 225 -7.42 49.33 17.40
CA LEU B 225 -7.35 48.68 16.09
C LEU B 225 -6.19 49.27 15.30
N ALA B 226 -5.46 48.40 14.60
CA ALA B 226 -4.30 48.84 13.82
C ALA B 226 -4.18 47.93 12.60
N LEU B 227 -4.48 48.46 11.43
CA LEU B 227 -4.56 47.67 10.21
C LEU B 227 -3.21 47.57 9.51
N SER B 228 -3.01 46.47 8.79
CA SER B 228 -1.84 46.29 7.94
C SER B 228 -2.22 46.55 6.49
N LYS B 229 -1.34 47.26 5.77
CA LYS B 229 -1.43 47.30 4.32
C LYS B 229 -0.55 46.24 3.69
N THR B 230 0.67 46.09 4.18
CA THR B 230 1.56 44.99 3.84
C THR B 230 2.18 44.44 5.11
N THR B 231 3.17 45.14 5.66
CA THR B 231 3.73 44.79 6.96
C THR B 231 2.87 45.38 8.07
N VAL B 232 3.07 44.87 9.28
CA VAL B 232 2.27 45.29 10.43
C VAL B 232 2.54 46.76 10.72
N PRO B 233 1.56 47.51 11.22
CA PRO B 233 1.78 48.91 11.54
C PRO B 233 2.71 49.05 12.75
N GLN B 234 3.29 50.26 12.88
CA GLN B 234 4.21 50.52 13.99
C GLN B 234 3.53 50.38 15.34
N GLU B 235 2.20 50.57 15.37
CA GLU B 235 1.48 50.52 16.64
C GLU B 235 1.60 49.15 17.31
N ILE B 236 1.81 48.09 16.53
CA ILE B 236 1.89 46.75 17.09
C ILE B 236 3.12 46.60 17.98
N TYR B 237 4.22 47.30 17.67
CA TYR B 237 5.42 47.18 18.47
C TYR B 237 5.28 47.81 19.86
N ASP B 238 4.18 48.51 20.15
CA ASP B 238 3.91 48.95 21.50
C ASP B 238 3.40 47.83 22.40
N SER B 239 3.06 46.68 21.83
CA SER B 239 2.60 45.55 22.63
C SER B 239 3.77 44.88 23.34
N THR B 240 3.50 44.39 24.55
CA THR B 240 4.48 43.63 25.32
C THR B 240 4.29 42.12 25.17
N LEU B 241 3.12 41.69 24.72
CA LEU B 241 2.85 40.30 24.36
C LEU B 241 2.19 40.31 22.98
N ILE B 242 2.77 39.57 22.04
CA ILE B 242 2.28 39.49 20.68
C ILE B 242 1.84 38.06 20.40
N VAL B 243 0.61 37.92 19.90
CA VAL B 243 0.04 36.62 19.57
C VAL B 243 -0.21 36.61 18.07
N GLY B 244 0.48 35.72 17.36
CA GLY B 244 0.46 35.69 15.91
C GLY B 244 -0.31 34.49 15.38
N ALA B 245 -1.06 34.72 14.29
CA ALA B 245 -1.78 33.65 13.61
C ALA B 245 -2.11 34.09 12.19
N THR B 246 -1.08 34.49 11.45
CA THR B 246 -1.28 34.98 10.09
C THR B 246 -1.12 33.85 9.08
N ASN B 247 -1.59 34.11 7.86
CA ASN B 247 -1.33 33.24 6.73
C ASN B 247 -0.31 33.85 5.77
N VAL B 248 0.44 34.84 6.26
CA VAL B 248 1.50 35.49 5.49
C VAL B 248 2.74 35.58 6.37
N ALA B 249 3.89 35.26 5.80
CA ALA B 249 5.13 35.21 6.55
C ALA B 249 5.80 36.57 6.58
N ASN B 250 6.54 36.82 7.67
CA ASN B 250 7.49 37.94 7.76
C ASN B 250 6.80 39.30 7.72
N VAL B 251 5.57 39.39 8.21
CA VAL B 251 4.91 40.69 8.29
C VAL B 251 5.27 41.44 9.57
N LEU B 252 5.82 40.74 10.57
CA LEU B 252 6.28 41.34 11.81
C LEU B 252 7.81 41.38 11.80
N ASP B 253 8.37 42.56 12.03
CA ASP B 253 9.82 42.73 12.08
C ASP B 253 10.29 42.46 13.50
N ILE B 254 10.93 41.31 13.70
CA ILE B 254 11.43 40.93 15.02
C ILE B 254 12.46 41.93 15.52
N MET B 255 13.18 42.59 14.60
CA MET B 255 14.19 43.56 15.00
C MET B 255 13.60 44.85 15.51
N GLN B 256 12.29 45.06 15.35
CA GLN B 256 11.65 46.28 15.83
C GLN B 256 10.85 46.07 17.11
N VAL B 257 10.68 44.83 17.57
CA VAL B 257 9.98 44.62 18.83
C VAL B 257 10.82 45.19 19.97
N LYS B 258 10.14 45.68 20.99
CA LYS B 258 10.82 46.30 22.12
C LYS B 258 11.43 45.24 23.03
N PRO B 259 12.51 45.58 23.74
CA PRO B 259 13.09 44.63 24.69
C PRO B 259 12.09 44.26 25.78
N GLY B 260 12.05 42.97 26.12
CA GLY B 260 11.08 42.45 27.05
C GLY B 260 9.80 41.93 26.42
N THR B 261 9.71 41.94 25.10
CA THR B 261 8.51 41.46 24.41
C THR B 261 8.43 39.95 24.45
N LEU B 262 7.23 39.43 24.73
CA LEU B 262 6.91 38.02 24.61
C LEU B 262 6.18 37.80 23.29
N ILE B 263 6.50 36.71 22.59
CA ILE B 263 5.94 36.45 21.27
C ILE B 263 5.47 35.00 21.21
N VAL B 264 4.16 34.80 21.03
CA VAL B 264 3.57 33.48 20.82
C VAL B 264 3.01 33.46 19.40
N ASP B 265 3.54 32.59 18.56
CA ASP B 265 3.18 32.59 17.15
C ASP B 265 2.79 31.18 16.71
N ASP B 266 1.55 31.03 16.27
CA ASP B 266 1.12 29.78 15.66
C ASP B 266 1.27 29.78 14.15
N SER B 267 1.62 30.93 13.56
CA SER B 267 1.75 31.02 12.11
C SER B 267 2.77 30.00 11.59
N GLY B 268 2.42 29.39 10.47
CA GLY B 268 3.30 28.44 9.80
C GLY B 268 3.19 28.63 8.30
N PRO B 269 4.20 29.27 7.69
CA PRO B 269 5.46 29.78 8.26
C PRO B 269 5.25 30.93 9.24
N HIS B 270 6.23 31.22 10.09
CA HIS B 270 6.05 32.21 11.13
C HIS B 270 5.89 33.61 10.53
N CYS B 271 5.20 34.48 11.27
CA CYS B 271 4.97 35.85 10.84
C CYS B 271 6.16 36.76 11.09
N PHE B 272 7.27 36.20 11.60
CA PHE B 272 8.52 36.93 11.75
C PHE B 272 9.65 36.01 11.30
N SER B 273 10.82 36.61 11.08
CA SER B 273 11.98 35.84 10.64
C SER B 273 12.53 35.03 11.81
N VAL B 274 12.53 33.71 11.68
CA VAL B 274 13.00 32.86 12.78
C VAL B 274 14.50 33.03 12.96
N GLU B 275 15.24 33.13 11.87
CA GLU B 275 16.70 33.27 11.96
C GLU B 275 17.08 34.54 12.72
N GLN B 276 16.44 35.66 12.38
CA GLN B 276 16.73 36.90 13.08
C GLN B 276 16.28 36.84 14.55
N ALA B 277 15.21 36.09 14.82
CA ALA B 277 14.75 35.95 16.20
C ALA B 277 15.75 35.17 17.04
N ILE B 278 16.30 34.08 16.50
CA ILE B 278 17.27 33.28 17.24
C ILE B 278 18.55 34.08 17.47
N LYS B 279 19.03 34.74 16.41
CA LYS B 279 20.26 35.53 16.53
C LYS B 279 20.12 36.64 17.57
N ARG B 280 18.98 37.34 17.57
CA ARG B 280 18.79 38.40 18.55
C ARG B 280 18.69 37.84 19.96
N PHE B 281 18.03 36.70 20.13
CA PHE B 281 17.87 36.12 21.46
C PHE B 281 19.21 35.74 22.07
N GLN B 282 20.11 35.18 21.26
CA GLN B 282 21.39 34.73 21.78
C GLN B 282 22.29 35.92 22.14
N GLU B 283 22.19 37.02 21.40
CA GLU B 283 23.05 38.17 21.67
C GLU B 283 22.49 39.05 22.77
N ARG B 284 21.20 39.38 22.70
CA ARG B 284 20.60 40.33 23.62
C ARG B 284 19.80 39.68 24.75
N GLU B 285 19.22 38.51 24.52
CA GLU B 285 18.38 37.82 25.52
C GLU B 285 17.28 38.74 26.05
N ASP B 286 16.66 39.50 25.15
CA ASP B 286 15.67 40.50 25.53
C ASP B 286 14.27 40.20 24.99
N ILE B 287 14.05 39.01 24.44
CA ILE B 287 12.73 38.57 23.98
C ILE B 287 12.53 37.12 24.39
N LEU B 288 11.27 36.74 24.53
CA LEU B 288 10.87 35.33 24.57
C LEU B 288 9.92 35.10 23.41
N PHE B 289 10.21 34.05 22.63
CA PHE B 289 9.39 33.71 21.47
C PHE B 289 9.21 32.20 21.42
N SER B 290 8.05 31.77 20.96
CA SER B 290 7.79 30.34 20.91
C SER B 290 6.68 30.04 19.92
N GLU B 291 6.71 28.81 19.41
CA GLU B 291 5.53 28.22 18.79
C GLU B 291 4.36 28.32 19.76
N GLY B 292 3.15 28.43 19.21
CA GLY B 292 1.97 28.50 20.03
C GLY B 292 1.09 27.27 19.96
N GLY B 293 1.21 26.51 18.89
CA GLY B 293 0.31 25.39 18.70
C GLY B 293 0.79 24.05 19.19
N MET B 294 1.96 24.00 19.83
CA MET B 294 2.56 22.74 20.24
C MET B 294 2.14 22.39 21.65
N LEU B 295 1.73 21.13 21.85
CA LEU B 295 1.36 20.62 23.16
C LEU B 295 2.48 19.75 23.71
N ARG B 296 2.54 19.66 25.04
CA ARG B 296 3.48 18.76 25.71
C ARG B 296 2.67 17.66 26.40
N SER B 297 2.81 16.44 25.91
CA SER B 297 2.18 15.29 26.54
C SER B 297 2.89 14.94 27.84
N PRO B 298 2.16 14.49 28.86
CA PRO B 298 2.83 14.04 30.09
C PRO B 298 3.66 12.79 29.91
N PHE B 299 3.44 12.03 28.83
CA PHE B 299 4.18 10.83 28.54
C PHE B 299 4.90 10.97 27.19
N PRO B 300 6.06 10.34 27.03
CA PRO B 300 6.74 10.40 25.74
C PRO B 300 5.96 9.65 24.67
N ILE B 301 5.96 10.21 23.47
CA ILE B 301 5.26 9.66 22.32
C ILE B 301 6.27 8.88 21.48
N LYS B 302 5.90 7.68 21.06
CA LYS B 302 6.75 6.88 20.18
C LYS B 302 6.39 7.21 18.73
N THR B 303 7.37 7.66 17.97
CA THR B 303 7.15 8.08 16.59
C THR B 303 7.83 7.11 15.64
N THR B 304 7.06 6.58 14.69
CA THR B 304 7.62 5.81 13.57
C THR B 304 7.73 6.73 12.36
N VAL B 305 8.90 6.76 11.74
CA VAL B 305 9.16 7.65 10.62
C VAL B 305 9.55 6.82 9.41
N HIS B 306 8.80 6.99 8.32
CA HIS B 306 9.14 6.43 7.02
C HIS B 306 9.39 7.59 6.08
N LEU B 307 10.65 7.87 5.77
CA LEU B 307 10.99 8.95 4.86
C LEU B 307 10.74 8.53 3.42
N LEU B 308 10.21 9.45 2.64
CA LEU B 308 10.04 9.21 1.21
C LEU B 308 11.42 9.07 0.57
N PRO B 309 11.69 7.97 -0.14
CA PRO B 309 13.07 7.73 -0.62
C PRO B 309 13.68 8.88 -1.40
N SER B 310 12.96 9.41 -2.40
CA SER B 310 13.54 10.48 -3.23
C SER B 310 13.79 11.74 -2.41
N VAL B 311 12.92 12.04 -1.43
CA VAL B 311 13.16 13.18 -0.56
C VAL B 311 14.27 12.87 0.44
N GLU B 312 14.40 11.61 0.85
CA GLU B 312 15.40 11.18 1.81
C GLU B 312 16.80 11.25 1.21
N ASN B 325 15.71 14.50 16.31
CA ASN B 325 16.02 15.41 17.40
C ASN B 325 14.78 16.12 17.93
N SER B 326 13.60 15.59 17.58
CA SER B 326 12.35 16.16 18.03
C SER B 326 12.07 15.77 19.48
N ASN B 327 11.43 16.68 20.20
CA ASN B 327 11.07 16.41 21.59
C ASN B 327 10.00 15.34 21.64
N PRO B 328 10.29 14.17 22.24
CA PRO B 328 9.30 13.07 22.21
C PRO B 328 8.02 13.37 22.95
N PHE B 329 7.98 14.41 23.79
CA PHE B 329 6.76 14.78 24.48
C PHE B 329 5.87 15.70 23.68
N ASN B 330 6.37 16.27 22.58
CA ASN B 330 5.66 17.32 21.85
C ASN B 330 4.75 16.74 20.78
N ILE B 331 3.55 17.32 20.68
CA ILE B 331 2.62 17.01 19.59
C ILE B 331 1.83 18.26 19.26
N MET B 332 1.66 18.54 17.98
CA MET B 332 0.91 19.72 17.55
C MET B 332 -0.56 19.57 17.92
N GLY B 333 -1.16 20.67 18.38
CA GLY B 333 -2.54 20.62 18.83
C GLY B 333 -3.51 20.29 17.72
N CYS B 334 -3.26 20.80 16.51
CA CYS B 334 -4.13 20.52 15.37
C CYS B 334 -4.23 19.02 15.10
N ALA B 335 -3.09 18.36 14.96
CA ALA B 335 -3.09 16.92 14.71
C ALA B 335 -3.71 16.15 15.88
N PHE B 336 -3.31 16.49 17.10
CA PHE B 336 -3.84 15.80 18.28
C PHE B 336 -5.35 15.97 18.41
N SER B 337 -5.91 17.02 17.80
CA SER B 337 -7.36 17.24 17.85
C SER B 337 -8.12 16.09 17.21
N ALA B 338 -7.57 15.51 16.14
CA ALA B 338 -8.23 14.37 15.52
C ALA B 338 -8.30 13.18 16.48
N LEU B 339 -7.24 12.97 17.26
CA LEU B 339 -7.26 11.93 18.28
C LEU B 339 -8.26 12.25 19.37
N LEU B 340 -8.33 13.52 19.79
CA LEU B 340 -9.28 13.89 20.83
C LEU B 340 -10.72 13.63 20.39
N SER B 341 -11.04 13.92 19.13
CA SER B 341 -12.39 13.66 18.64
C SER B 341 -12.68 12.16 18.57
N SER B 342 -11.66 11.35 18.30
CA SER B 342 -11.89 9.90 18.23
C SER B 342 -12.06 9.28 19.59
N GLN B 343 -11.53 9.91 20.64
CA GLN B 343 -11.60 9.36 22.00
C GLN B 343 -12.68 10.00 22.86
N PHE B 344 -13.10 11.22 22.54
CA PHE B 344 -14.08 11.94 23.35
C PHE B 344 -15.21 12.42 22.45
N GLU B 345 -16.40 11.84 22.65
CA GLU B 345 -17.54 12.17 21.81
C GLU B 345 -17.99 13.61 21.97
N GLN B 346 -17.73 14.22 23.13
CA GLN B 346 -18.18 15.58 23.37
C GLN B 346 -17.36 16.63 22.61
N LEU B 347 -16.17 16.26 22.12
CA LEU B 347 -15.32 17.18 21.36
C LEU B 347 -15.63 17.00 19.88
N GLU B 348 -16.64 17.74 19.41
CA GLU B 348 -17.10 17.59 18.04
C GLU B 348 -16.08 18.17 17.06
N PRO B 349 -15.99 17.62 15.85
CA PRO B 349 -15.09 18.18 14.85
C PRO B 349 -15.57 19.53 14.35
N THR B 350 -14.63 20.33 13.88
CA THR B 350 -14.90 21.68 13.40
C THR B 350 -14.68 21.75 11.90
N VAL B 351 -15.70 22.21 11.18
CA VAL B 351 -15.62 22.51 9.76
C VAL B 351 -16.23 23.88 9.55
N GLY B 352 -15.55 24.74 8.80
CA GLY B 352 -15.97 26.12 8.64
C GLY B 352 -15.50 26.98 9.80
N ILE B 353 -15.92 28.24 9.77
CA ILE B 353 -15.68 29.13 10.91
C ILE B 353 -16.76 28.83 11.95
N CYS B 354 -16.34 28.29 13.09
CA CYS B 354 -17.25 27.89 14.15
C CYS B 354 -17.13 28.84 15.33
N ASP B 355 -18.16 28.83 16.18
CA ASP B 355 -18.14 29.62 17.41
C ASP B 355 -17.06 29.11 18.35
N GLY B 356 -16.77 29.90 19.38
CA GLY B 356 -15.68 29.58 20.28
C GLY B 356 -16.11 29.15 21.66
N GLU B 357 -17.37 28.77 21.81
CA GLU B 357 -17.86 28.33 23.12
C GLU B 357 -17.24 26.99 23.50
N GLN B 358 -17.21 26.03 22.56
CA GLN B 358 -16.69 24.70 22.83
C GLN B 358 -15.19 24.68 23.09
N SER B 359 -14.49 25.78 22.84
CA SER B 359 -13.04 25.80 23.01
C SER B 359 -12.63 25.53 24.45
N GLU B 360 -13.49 25.88 25.42
CA GLU B 360 -13.17 25.59 26.81
C GLU B 360 -13.14 24.09 27.09
N LEU B 361 -13.96 23.31 26.38
CA LEU B 361 -13.95 21.87 26.54
C LEU B 361 -12.57 21.31 26.22
N HIS B 362 -12.00 21.73 25.08
CA HIS B 362 -10.65 21.28 24.72
C HIS B 362 -9.64 21.70 25.78
N TYR B 363 -9.76 22.92 26.29
CA TYR B 363 -8.82 23.38 27.31
C TYR B 363 -8.95 22.58 28.60
N GLN B 364 -10.19 22.29 29.01
CA GLN B 364 -10.40 21.55 30.25
C GLN B 364 -9.95 20.10 30.11
N ILE B 365 -10.18 19.48 28.96
CA ILE B 365 -9.76 18.10 28.76
C ILE B 365 -8.23 18.00 28.76
N LEU B 366 -7.56 18.93 28.09
CA LEU B 366 -6.10 18.92 28.07
C LEU B 366 -5.51 19.09 29.47
N GLN B 367 -6.11 19.98 30.27
CA GLN B 367 -5.66 20.13 31.65
C GLN B 367 -5.91 18.87 32.44
N GLU B 368 -7.05 18.21 32.20
CA GLU B 368 -7.37 16.97 32.91
C GLU B 368 -6.37 15.87 32.57
N LEU B 369 -5.93 15.80 31.32
CA LEU B 369 -4.94 14.82 30.90
C LEU B 369 -3.50 15.23 31.22
N GLU B 370 -3.32 16.29 32.01
CA GLU B 370 -2.00 16.78 32.42
C GLU B 370 -1.17 17.26 31.24
N PHE B 371 -1.84 17.72 30.18
CA PHE B 371 -1.16 18.38 29.08
C PHE B 371 -0.83 19.82 29.45
N GLU B 372 0.27 20.31 28.88
CA GLU B 372 0.60 21.73 28.94
C GLU B 372 1.20 22.13 27.61
N ALA B 373 1.57 23.40 27.49
CA ALA B 373 2.20 23.87 26.28
C ALA B 373 3.60 23.27 26.16
N GLY B 374 4.07 23.15 24.92
CA GLY B 374 5.44 22.74 24.71
C GLY B 374 6.42 23.72 25.33
N ASP B 375 7.57 23.19 25.76
CA ASP B 375 8.63 24.06 26.24
C ASP B 375 8.99 25.07 25.17
N LEU B 376 9.34 26.28 25.60
CA LEU B 376 9.54 27.39 24.68
C LEU B 376 10.54 27.02 23.60
N HIS B 377 10.11 27.11 22.35
CA HIS B 377 10.92 26.71 21.22
C HIS B 377 10.32 27.31 19.96
N CYS B 378 11.15 27.45 18.93
CA CYS B 378 10.69 27.94 17.63
C CYS B 378 11.31 27.07 16.55
N GLU B 379 10.46 26.29 15.87
CA GLU B 379 10.88 25.33 14.86
C GLU B 379 11.91 24.38 15.44
N HIS B 380 13.15 24.44 14.94
CA HIS B 380 14.20 23.56 15.41
C HIS B 380 14.89 24.07 16.67
N TYR B 381 14.77 25.36 16.98
CA TYR B 381 15.54 25.96 18.05
C TYR B 381 14.77 25.90 19.38
N VAL B 382 15.42 25.37 20.41
CA VAL B 382 14.88 25.35 21.76
C VAL B 382 15.53 26.48 22.54
N LEU B 383 14.71 27.23 23.30
CA LEU B 383 15.22 28.32 24.13
C LEU B 383 15.82 27.76 25.42
N PRO B 384 17.13 27.91 25.62
CA PRO B 384 17.77 27.33 26.81
C PRO B 384 17.19 27.89 28.10
N ALA B 385 16.94 27.00 29.06
CA ALA B 385 16.26 27.40 30.29
C ALA B 385 17.07 28.42 31.08
N LYS B 386 18.40 28.42 30.89
CA LYS B 386 19.25 29.40 31.57
C LYS B 386 19.03 30.80 31.00
N SER B 387 18.94 30.91 29.67
CA SER B 387 18.66 32.20 29.04
C SER B 387 17.27 32.70 29.39
N ILE B 388 16.32 31.79 29.61
CA ILE B 388 15.00 32.20 30.06
C ILE B 388 15.08 32.78 31.47
N ALA B 389 15.93 32.20 32.32
CA ALA B 389 16.12 32.75 33.66
C ALA B 389 16.75 34.14 33.59
N ASN B 390 17.67 34.35 32.66
CA ASN B 390 18.25 35.67 32.47
C ASN B 390 17.19 36.69 32.04
N PHE B 391 16.33 36.29 31.09
CA PHE B 391 15.23 37.16 30.70
C PHE B 391 14.33 37.46 31.89
N ARG B 392 14.01 36.45 32.70
CA ARG B 392 13.21 36.69 33.90
C ARG B 392 13.91 37.62 34.86
N GLN B 393 15.25 37.68 34.81
CA GLN B 393 16.01 38.56 35.68
C GLN B 393 15.98 40.00 35.18
N ARG B 394 16.13 40.20 33.87
CA ARG B 394 16.23 41.53 33.30
C ARG B 394 14.87 42.16 33.01
N PHE B 395 13.91 41.38 32.54
CA PHE B 395 12.62 41.91 32.11
C PHE B 395 11.43 41.26 32.81
N GLY B 396 11.69 40.48 33.86
CA GLY B 396 10.61 39.79 34.56
C GLY B 396 9.99 40.58 35.70
N LYS B 397 8.72 40.94 35.53
CA LYS B 397 7.99 41.70 36.55
C LYS B 397 7.77 40.86 37.81
PA NAD C . 3.30 -32.53 -6.38
O1A NAD C . 4.41 -32.31 -5.41
O2A NAD C . 1.99 -32.92 -5.71
O5B NAD C . 3.66 -33.75 -7.47
C5B NAD C . 4.98 -33.72 -8.09
C4B NAD C . 5.31 -35.12 -8.55
O4B NAD C . 6.41 -35.12 -9.23
C3B NAD C . 5.58 -36.06 -7.18
O3B NAD C . 4.66 -37.21 -7.24
C2B NAD C . 6.80 -36.34 -7.24
O2B NAD C . 7.18 -37.64 -6.59
C1B NAD C . 7.08 -36.39 -8.82
N9A NAD C . 8.36 -36.45 -9.11
C8A NAD C . 9.41 -35.90 -8.47
N7A NAD C . 10.55 -36.29 -9.10
C5A NAD C . 10.20 -37.09 -10.11
C6A NAD C . 10.99 -37.84 -11.19
N6A NAD C . 12.45 -37.78 -11.27
N1A NAD C . 10.28 -38.62 -12.16
C2A NAD C . 8.85 -38.72 -12.14
N3A NAD C . 8.11 -38.01 -11.12
C4A NAD C . 8.85 -37.18 -10.11
O3 NAD C . 3.18 -31.15 -7.25
PN NAD C . 1.82 -30.63 -8.02
O1N NAD C . 1.07 -31.77 -8.64
O2N NAD C . 1.02 -29.81 -6.99
O5D NAD C . 2.47 -29.64 -9.19
C5D NAD C . 3.17 -30.32 -10.22
C4D NAD C . 3.81 -29.29 -11.17
O4D NAD C . 2.85 -28.59 -11.69
C3D NAD C . 4.75 -28.29 -10.32
O3D NAD C . 6.05 -28.10 -10.98
C2D NAD C . 4.07 -27.17 -10.22
O2D NAD C . 4.92 -25.96 -10.12
C1D NAD C . 3.27 -27.12 -11.50
N1N NAD C . 2.18 -26.35 -11.35
C2N NAD C . 2.26 -24.93 -11.74
C3N NAD C . 1.05 -24.02 -11.56
C7N NAD C . 1.18 -22.55 -11.97
O7N NAD C . 0.47 -21.71 -11.44
N7N NAD C . 2.17 -22.18 -13.00
C4N NAD C . -0.24 -24.56 -10.98
C5N NAD C . -0.31 -26.00 -10.59
C6N NAD C . 0.92 -26.90 -10.78
I IOD D . -1.80 -15.53 -15.13
PA NAD E . -6.58 32.28 8.34
O1A NAD E . -6.45 32.50 6.87
O2A NAD E . -8.02 31.93 8.71
O5B NAD E . -6.08 33.63 9.22
C5B NAD E . -4.83 34.28 8.84
C4B NAD E . -4.98 35.75 9.14
O4B NAD E . -3.86 36.38 9.04
C3B NAD E . -6.04 36.44 8.02
O3B NAD E . -7.15 37.06 8.76
C2B NAD E . -5.36 37.26 7.39
O2B NAD E . -6.15 38.45 6.91
C1B NAD E . -4.27 37.71 8.46
N9A NAD E . -3.28 38.36 7.88
C8A NAD E . -2.76 38.16 6.66
N7A NAD E . -1.78 39.07 6.47
C5A NAD E . -1.72 39.84 7.56
C6A NAD E . -0.83 41.03 7.94
N6A NAD E . 0.19 41.53 7.00
N1A NAD E . -0.99 41.65 9.21
C2A NAD E . -1.98 41.18 10.14
N3A NAD E . -2.83 40.05 9.77
C4A NAD E . -2.65 39.39 8.43
O3 NAD E . -5.59 31.05 8.74
PN NAD E . -5.71 30.15 10.13
O1N NAD E . -6.28 30.95 11.28
O2N NAD E . -6.58 28.93 9.82
O5D NAD E . -4.14 29.74 10.49
C5D NAD E . -3.27 30.81 10.84
C4D NAD E . -1.82 30.29 10.95
O4D NAD E . -1.77 29.35 11.85
C3D NAD E . -1.37 29.65 9.53
O3D NAD E . -0.03 30.09 9.19
C2D NAD E . -1.44 28.36 9.69
O2D NAD E . -0.50 27.63 8.79
C1D NAD E . -1.07 28.17 11.16
N1N NAD E . -1.57 27.01 11.61
C2N NAD E . -0.70 25.82 11.63
C3N NAD E . -1.24 24.48 12.14
C7N NAD E . -0.30 23.26 12.14
O7N NAD E . -0.75 22.14 12.11
N7N NAD E . 1.17 23.48 12.16
C4N NAD E . -2.66 24.36 12.63
C5N NAD E . -3.55 25.57 12.60
C6N NAD E . -2.99 26.90 12.09
I IOD F . 2.54 16.27 15.15
#